data_9GVK
#
_entry.id   9GVK
#
_cell.length_a   1.00
_cell.length_b   1.00
_cell.length_c   1.00
_cell.angle_alpha   90.00
_cell.angle_beta   90.00
_cell.angle_gamma   90.00
#
_symmetry.space_group_name_H-M   'P 1'
#
loop_
_entity.id
_entity.type
_entity.pdbx_description
1 polymer 'Lipoprotein-releasing system transmembrane protein LolC'
2 polymer 'Lipoprotein-releasing system transmembrane protein LolE'
3 polymer 'Lipoprotein-releasing system ATP-binding protein LolD'
4 non-polymer 'MAGNESIUM ION'
5 non-polymer "ADENOSINE-5'-TRIPHOSPHATE"
#
loop_
_entity_poly.entity_id
_entity_poly.type
_entity_poly.pdbx_seq_one_letter_code
_entity_poly.pdbx_strand_id
1 'polypeptide(L)'
;MYQPVALFIGLRYMRGRAADRFGRFVSWLSTIGITLGVMALVTVLSVMNGFERELQNNILGLMPQAILSSEHGSLNPQQL
PETAVKLDGVNRVAPITTGDVVLQSARSVAVGVMLGIDPAQKDPLTPYLVNVKQTDLEPGKYNVILGEQLASQLGVNRGD
QIRVMVPSASQFTPMGRIPSQRLFNVIGTFAANSEVDGYEMLVNIEDASRLMRYPAGNITGWRLWLDEPLKVDSLSQQKL
PEGSKWQDWRDRKGELFQAVRMEKNMMGLLLSLIVAVAAFNIITSLGLMVMEKQGEVAILQTQGLTPRQIMMVFMVQGAS
AGIIGAILGAALGALLASQLNNLMPIIGVLLDGAALPVAIEPLQVIVIALVAMAIALLSTLYPSWRAAATQPAEALRYE
;
C
2 'polypeptide(L)'
;MAMPLSLLIGLRFSRGRRRGGMVSLISVISTIGIALGVAVLIVGLSAMNGFERELNNRILAVVPHGEIEAVDQPWTNWQE
ALDHVQKVPGIAAAAPYINFTGLVESGANLRAIQVKGVNPQQEQRLSALPSFVQGDAWRNFKAGEQQIIIGKGVADALKV
KQGDWVSIMIPNSNPEHKLMQPKRVRLHVAGILQLSGQLDHSFAMIPLADAQQYLDMGSSVSGIALKMTDVFNANKLVRD
AGEVTNSYVYIKSWIGTYGYMYRDIQMIRAIMYLAMVLVIGVACFNIVSTLVMAVKDKSGDIAVLRTLGAKDGLIRAIFV
WYGLLAGLFGSLCGVIIGVVVSLQLTPIIEWIEKLIGHQFLSSDIYFIDFLPSELHWLDVFYVLVTALLLSLLASWYPAR
RASNIDPARVLSGQ
;
E
3 'polypeptide(L)'
;MNKILLQCDNLCKRYQEGSVQTDVLHNVSFSVGEGEMMAIVGSSGSGKSTLLHLLGGLDTPTSGDVIFNGQPMSKLSSAA
KAELRNQKLGFIYQFHHLLPDFTALENVAMPLLIGKKKPAEINSRALEMLKAVGLDHRANHRPSELSGGERQRVAIARAL
VNNPRLVLADQPTGNLDARNADSIFQLLGELNRLQGTAFLVVTHDLQLAKRMSRQLEMRDGRLTAELSLMGAEHHHHHHH
H
;
D,F
#
# COMPACT_ATOMS: atom_id res chain seq x y z
N TYR A 2 -1.77 -34.12 -7.26
CA TYR A 2 -2.35 -34.45 -8.56
C TYR A 2 -1.36 -34.18 -9.70
N GLN A 3 -1.81 -34.45 -10.92
CA GLN A 3 -0.91 -34.42 -12.08
C GLN A 3 -0.29 -33.05 -12.33
N PRO A 4 -1.03 -31.91 -12.30
CA PRO A 4 -0.34 -30.63 -12.41
C PRO A 4 0.40 -30.28 -11.12
N VAL A 5 1.62 -30.81 -11.00
CA VAL A 5 2.40 -30.68 -9.77
C VAL A 5 2.64 -29.21 -9.44
N ALA A 6 2.84 -28.38 -10.47
CA ALA A 6 3.03 -26.95 -10.24
C ALA A 6 1.83 -26.33 -9.53
N LEU A 7 0.62 -26.66 -10.00
CA LEU A 7 -0.58 -26.14 -9.36
C LEU A 7 -0.72 -26.68 -7.94
N PHE A 8 -0.38 -27.94 -7.73
CA PHE A 8 -0.50 -28.55 -6.40
C PHE A 8 0.41 -27.85 -5.40
N ILE A 9 1.68 -27.63 -5.77
CA ILE A 9 2.61 -26.98 -4.87
C ILE A 9 2.23 -25.51 -4.66
N GLY A 10 1.76 -24.85 -5.73
CA GLY A 10 1.33 -23.47 -5.59
C GLY A 10 0.14 -23.31 -4.67
N LEU A 11 -0.82 -24.23 -4.76
CA LEU A 11 -1.98 -24.20 -3.87
C LEU A 11 -1.59 -24.53 -2.43
N ARG A 12 -0.65 -25.47 -2.25
CA ARG A 12 -0.20 -25.80 -0.90
C ARG A 12 0.64 -24.69 -0.28
N TYR A 13 1.30 -23.87 -1.09
CA TYR A 13 2.06 -22.75 -0.53
C TYR A 13 1.13 -21.71 0.10
N MET A 14 0.00 -21.43 -0.55
CA MET A 14 -1.07 -20.73 0.14
C MET A 14 -1.76 -21.70 1.10
N ARG A 15 -2.61 -21.16 1.97
CA ARG A 15 -3.22 -21.93 3.06
C ARG A 15 -2.13 -22.62 3.89
N GLY A 16 -1.25 -21.82 4.47
CA GLY A 16 -0.06 -22.33 5.12
C GLY A 16 -0.37 -23.06 6.42
N ARG A 17 0.68 -23.17 7.24
CA ARG A 17 0.57 -23.87 8.52
C ARG A 17 -0.42 -23.19 9.45
N ALA A 18 -0.37 -21.86 9.53
CA ALA A 18 -1.33 -21.04 10.27
C ALA A 18 -1.31 -21.45 11.73
N ALA A 19 -2.34 -22.13 12.25
CA ALA A 19 -2.45 -22.57 13.64
C ALA A 19 -2.43 -21.40 14.62
N ASP A 20 -2.79 -20.20 14.17
CA ASP A 20 -2.82 -19.03 15.03
C ASP A 20 -3.69 -17.97 14.36
N ARG A 21 -4.23 -17.08 15.19
CA ARG A 21 -4.98 -15.95 14.66
C ARG A 21 -4.07 -15.02 13.87
N PHE A 22 -2.87 -14.76 14.38
CA PHE A 22 -1.92 -13.87 13.69
C PHE A 22 -1.16 -14.58 12.58
N GLY A 23 -1.05 -15.90 12.63
CA GLY A 23 -0.30 -16.61 11.60
C GLY A 23 -0.92 -16.48 10.22
N ARG A 24 -2.25 -16.43 10.16
CA ARG A 24 -2.93 -16.24 8.89
C ARG A 24 -2.70 -14.84 8.33
N PHE A 25 -2.56 -13.84 9.21
CA PHE A 25 -2.42 -12.46 8.76
C PHE A 25 -1.15 -12.27 7.95
N VAL A 26 -0.04 -12.88 8.39
CA VAL A 26 1.23 -12.71 7.69
C VAL A 26 1.18 -13.37 6.32
N SER A 27 0.47 -14.49 6.21
CA SER A 27 0.35 -15.15 4.91
C SER A 27 -0.61 -14.40 3.99
N TRP A 28 -1.61 -13.72 4.55
CA TRP A 28 -2.60 -13.01 3.75
C TRP A 28 -2.29 -11.53 3.59
N LEU A 29 -1.12 -11.07 4.04
CA LEU A 29 -0.73 -9.68 3.87
C LEU A 29 -0.82 -9.21 2.42
N SER A 30 -0.35 -10.02 1.47
CA SER A 30 -0.37 -9.62 0.07
C SER A 30 -1.80 -9.48 -0.45
N THR A 31 -2.67 -10.43 -0.09
CA THR A 31 -4.06 -10.34 -0.49
C THR A 31 -4.74 -9.12 0.12
N ILE A 32 -4.44 -8.83 1.38
CA ILE A 32 -5.02 -7.67 2.04
C ILE A 32 -4.56 -6.39 1.37
N GLY A 33 -3.28 -6.31 1.00
CA GLY A 33 -2.77 -5.12 0.33
C GLY A 33 -3.40 -4.92 -1.04
N ILE A 34 -3.53 -6.00 -1.81
CA ILE A 34 -4.18 -5.89 -3.13
C ILE A 34 -5.64 -5.47 -2.97
N THR A 35 -6.33 -6.05 -1.99
CA THR A 35 -7.72 -5.70 -1.74
C THR A 35 -7.86 -4.23 -1.36
N LEU A 36 -6.97 -3.74 -0.49
CA LEU A 36 -7.02 -2.34 -0.07
C LEU A 36 -6.80 -1.40 -1.26
N GLY A 37 -5.78 -1.70 -2.07
CA GLY A 37 -5.51 -0.85 -3.22
C GLY A 37 -6.65 -0.83 -4.22
N VAL A 38 -7.17 -2.01 -4.55
CA VAL A 38 -8.26 -2.09 -5.52
C VAL A 38 -9.51 -1.37 -4.99
N MET A 39 -9.83 -1.58 -3.72
CA MET A 39 -11.01 -0.95 -3.13
C MET A 39 -10.88 0.56 -3.14
N ALA A 40 -9.71 1.09 -2.76
CA ALA A 40 -9.51 2.53 -2.77
C ALA A 40 -9.65 3.08 -4.18
N LEU A 41 -9.04 2.41 -5.17
CA LEU A 41 -9.12 2.87 -6.54
C LEU A 41 -10.57 2.92 -7.03
N VAL A 42 -11.33 1.84 -6.79
CA VAL A 42 -12.68 1.79 -7.35
C VAL A 42 -13.60 2.78 -6.64
N THR A 43 -13.45 2.95 -5.32
CA THR A 43 -14.36 3.88 -4.65
C THR A 43 -14.03 5.33 -5.02
N VAL A 44 -12.75 5.66 -5.21
CA VAL A 44 -12.42 7.03 -5.61
C VAL A 44 -12.85 7.28 -7.05
N LEU A 45 -12.74 6.28 -7.92
CA LEU A 45 -13.24 6.44 -9.29
C LEU A 45 -14.76 6.61 -9.30
N SER A 46 -15.46 5.84 -8.48
CA SER A 46 -16.92 5.97 -8.41
C SER A 46 -17.33 7.35 -7.93
N VAL A 47 -16.65 7.86 -6.89
CA VAL A 47 -16.97 9.19 -6.39
C VAL A 47 -16.68 10.26 -7.43
N MET A 48 -15.54 10.14 -8.12
CA MET A 48 -15.18 11.11 -9.16
C MET A 48 -16.22 11.13 -10.27
N ASN A 49 -16.56 9.96 -10.81
CA ASN A 49 -17.52 9.90 -11.91
C ASN A 49 -18.90 10.36 -11.46
N GLY A 50 -19.27 10.05 -10.21
CA GLY A 50 -20.56 10.49 -9.71
C GLY A 50 -20.64 12.00 -9.60
N PHE A 51 -19.59 12.64 -9.08
CA PHE A 51 -19.58 14.09 -9.00
C PHE A 51 -19.64 14.69 -10.40
N GLU A 52 -18.85 14.16 -11.33
CA GLU A 52 -18.81 14.71 -12.68
C GLU A 52 -20.19 14.63 -13.33
N ARG A 53 -20.83 13.46 -13.24
CA ARG A 53 -22.15 13.29 -13.84
C ARG A 53 -23.19 14.17 -13.16
N GLU A 54 -23.16 14.25 -11.83
CA GLU A 54 -24.15 15.04 -11.10
C GLU A 54 -24.03 16.52 -11.44
N LEU A 55 -22.81 17.04 -11.43
CA LEU A 55 -22.61 18.44 -11.78
C LEU A 55 -23.02 18.70 -13.22
N GLN A 56 -22.62 17.80 -14.14
CA GLN A 56 -22.95 17.97 -15.55
C GLN A 56 -24.45 18.06 -15.75
N ASN A 57 -25.19 17.08 -15.22
CA ASN A 57 -26.64 17.13 -15.32
C ASN A 57 -27.19 18.39 -14.67
N ASN A 58 -27.00 18.54 -13.36
CA ASN A 58 -27.65 19.59 -12.59
C ASN A 58 -27.30 20.99 -13.05
N ILE A 59 -26.20 21.18 -13.78
CA ILE A 59 -25.87 22.53 -14.23
C ILE A 59 -26.17 22.69 -15.72
N LEU A 60 -25.58 21.83 -16.56
CA LEU A 60 -25.65 22.01 -18.00
C LEU A 60 -26.79 21.23 -18.65
N GLY A 61 -27.77 20.75 -17.88
CA GLY A 61 -28.93 20.17 -18.51
C GLY A 61 -30.05 21.14 -18.78
N LEU A 62 -29.85 22.42 -18.52
CA LEU A 62 -30.84 23.44 -18.77
C LEU A 62 -30.28 24.61 -19.58
N MET A 63 -29.03 24.97 -19.36
CA MET A 63 -28.38 26.05 -20.09
C MET A 63 -27.73 25.51 -21.36
N PRO A 64 -27.62 26.33 -22.41
CA PRO A 64 -27.07 25.84 -23.70
C PRO A 64 -25.59 25.52 -23.57
N GLN A 65 -25.24 24.26 -23.90
CA GLN A 65 -23.84 23.84 -23.80
C GLN A 65 -22.98 24.49 -24.88
N ALA A 66 -23.56 24.69 -26.07
CA ALA A 66 -22.85 25.38 -27.14
C ALA A 66 -23.86 25.93 -28.12
N ILE A 67 -23.47 26.97 -28.84
CA ILE A 67 -24.34 27.62 -29.81
C ILE A 67 -23.48 28.33 -30.84
N LEU A 68 -23.95 28.35 -32.08
CA LEU A 68 -23.31 29.11 -33.14
C LEU A 68 -23.91 30.52 -33.17
N SER A 69 -23.51 31.33 -34.15
CA SER A 69 -24.02 32.67 -34.29
C SER A 69 -24.38 32.94 -35.74
N SER A 70 -25.51 33.61 -35.95
CA SER A 70 -25.90 34.07 -37.29
C SER A 70 -26.92 35.18 -37.10
N GLU A 71 -26.52 36.41 -37.46
CA GLU A 71 -27.36 37.59 -37.26
C GLU A 71 -27.67 38.33 -38.55
N HIS A 72 -27.17 37.85 -39.69
CA HIS A 72 -27.33 38.55 -40.96
C HIS A 72 -28.58 38.05 -41.67
N GLY A 73 -29.52 38.95 -41.95
CA GLY A 73 -30.68 38.63 -42.73
C GLY A 73 -31.74 37.82 -42.04
N SER A 74 -31.67 37.70 -40.71
CA SER A 74 -32.55 36.82 -39.93
C SER A 74 -32.52 35.40 -40.51
N LEU A 75 -31.33 34.81 -40.44
CA LEU A 75 -31.01 33.64 -41.23
C LEU A 75 -31.86 32.44 -40.84
N ASN A 76 -32.35 31.73 -41.86
CA ASN A 76 -33.12 30.50 -41.74
C ASN A 76 -32.22 29.35 -42.15
N PRO A 77 -32.67 28.08 -42.03
CA PRO A 77 -31.88 26.96 -42.57
C PRO A 77 -31.72 26.96 -44.09
N GLN A 78 -32.21 28.01 -44.76
CA GLN A 78 -32.08 28.10 -46.21
C GLN A 78 -30.62 28.18 -46.64
N GLN A 79 -29.75 28.78 -45.83
CA GLN A 79 -28.33 28.80 -46.14
C GLN A 79 -27.70 27.44 -45.89
N LEU A 80 -28.04 26.81 -44.77
CA LEU A 80 -27.51 25.52 -44.39
C LEU A 80 -28.52 24.83 -43.48
N PRO A 81 -28.96 23.62 -43.81
CA PRO A 81 -29.87 22.88 -42.93
C PRO A 81 -29.26 22.51 -41.58
N GLU A 82 -30.05 21.83 -40.75
CA GLU A 82 -29.58 21.45 -39.41
C GLU A 82 -28.41 20.48 -39.45
N THR A 83 -28.15 19.83 -40.59
CA THR A 83 -27.03 18.91 -40.73
C THR A 83 -25.73 19.60 -41.11
N ALA A 84 -25.62 20.91 -40.87
CA ALA A 84 -24.40 21.62 -41.24
C ALA A 84 -23.24 21.27 -40.33
N VAL A 85 -23.51 21.02 -39.05
CA VAL A 85 -22.45 20.74 -38.09
C VAL A 85 -21.95 19.32 -38.27
N LYS A 86 -20.63 19.16 -38.36
CA LYS A 86 -19.99 17.86 -38.54
C LYS A 86 -18.99 17.53 -37.45
N LEU A 87 -18.91 18.35 -36.41
CA LEU A 87 -17.95 18.13 -35.34
C LEU A 87 -18.31 16.88 -34.54
N ASP A 88 -17.30 16.23 -33.98
CA ASP A 88 -17.52 15.07 -33.14
C ASP A 88 -18.11 15.49 -31.79
N GLY A 89 -18.76 14.54 -31.13
CA GLY A 89 -19.42 14.79 -29.87
C GLY A 89 -20.77 15.46 -29.97
N VAL A 90 -21.39 15.44 -31.15
CA VAL A 90 -22.68 16.07 -31.38
C VAL A 90 -23.76 15.00 -31.34
N ASN A 91 -24.81 15.23 -30.55
CA ASN A 91 -25.92 14.29 -30.45
C ASN A 91 -27.25 14.85 -30.89
N ARG A 92 -27.49 16.15 -30.73
CA ARG A 92 -28.75 16.76 -31.14
C ARG A 92 -28.54 18.25 -31.32
N VAL A 93 -29.26 18.82 -32.30
CA VAL A 93 -29.22 20.25 -32.59
C VAL A 93 -30.66 20.75 -32.71
N ALA A 94 -30.93 21.90 -32.12
CA ALA A 94 -32.23 22.54 -32.19
C ALA A 94 -32.05 24.05 -32.32
N PRO A 95 -33.03 24.75 -32.91
CA PRO A 95 -32.92 26.21 -33.01
C PRO A 95 -32.96 26.88 -31.64
N ILE A 96 -32.27 28.02 -31.55
CA ILE A 96 -32.17 28.77 -30.30
C ILE A 96 -31.94 30.25 -30.63
N THR A 97 -32.18 31.11 -29.64
CA THR A 97 -31.91 32.53 -29.76
C THR A 97 -31.54 33.04 -28.38
N THR A 98 -30.29 33.47 -28.21
CA THR A 98 -29.76 33.83 -26.90
C THR A 98 -29.16 35.23 -26.93
N GLY A 99 -29.38 35.96 -25.84
CA GLY A 99 -28.81 37.29 -25.68
C GLY A 99 -29.22 37.94 -24.37
N ASP A 100 -28.39 38.84 -23.86
CA ASP A 100 -28.69 39.50 -22.59
C ASP A 100 -29.81 40.50 -22.78
N VAL A 101 -30.78 40.47 -21.87
CA VAL A 101 -31.95 41.33 -21.92
C VAL A 101 -32.23 41.87 -20.52
N VAL A 102 -32.58 43.15 -20.45
CA VAL A 102 -32.93 43.80 -19.19
C VAL A 102 -34.44 43.78 -19.05
N LEU A 103 -34.91 43.30 -17.90
CA LEU A 103 -36.34 43.17 -17.63
C LEU A 103 -36.73 44.17 -16.56
N GLN A 104 -37.67 45.05 -16.90
CA GLN A 104 -38.19 46.06 -15.99
C GLN A 104 -39.57 45.65 -15.53
N SER A 105 -39.77 45.61 -14.22
CA SER A 105 -41.05 45.25 -13.62
C SER A 105 -41.73 46.51 -13.10
N ALA A 106 -42.88 46.30 -12.44
CA ALA A 106 -43.58 47.41 -11.81
C ALA A 106 -42.81 47.99 -10.63
N ARG A 107 -41.88 47.22 -10.05
CA ARG A 107 -41.14 47.69 -8.89
C ARG A 107 -39.64 47.42 -8.93
N SER A 108 -39.14 46.59 -9.85
CA SER A 108 -37.74 46.21 -9.86
C SER A 108 -37.25 46.03 -11.28
N VAL A 109 -35.93 46.08 -11.44
CA VAL A 109 -35.27 45.88 -12.72
C VAL A 109 -34.17 44.84 -12.54
N ALA A 110 -34.13 43.85 -13.43
CA ALA A 110 -33.14 42.79 -13.36
C ALA A 110 -32.64 42.48 -14.77
N VAL A 111 -31.78 41.46 -14.87
CA VAL A 111 -31.19 41.06 -16.13
C VAL A 111 -31.39 39.56 -16.33
N GLY A 112 -31.30 39.14 -17.58
CA GLY A 112 -31.42 37.73 -17.88
C GLY A 112 -30.93 37.44 -19.29
N VAL A 113 -31.11 36.19 -19.70
CA VAL A 113 -30.72 35.74 -21.03
C VAL A 113 -31.95 35.16 -21.72
N MET A 114 -32.13 35.52 -22.99
CA MET A 114 -33.29 35.06 -23.75
C MET A 114 -33.08 33.64 -24.26
N LEU A 115 -34.17 32.87 -24.27
CA LEU A 115 -34.15 31.51 -24.78
C LEU A 115 -35.27 31.36 -25.81
N GLY A 116 -34.92 30.90 -27.00
CA GLY A 116 -35.91 30.68 -28.04
C GLY A 116 -36.24 29.21 -28.21
N ILE A 117 -37.44 28.82 -27.79
CA ILE A 117 -37.88 27.43 -27.82
C ILE A 117 -39.19 27.36 -28.61
N ASP A 118 -39.21 26.49 -29.61
CA ASP A 118 -40.45 26.28 -30.35
C ASP A 118 -41.47 25.57 -29.47
N PRO A 119 -42.75 25.94 -29.57
CA PRO A 119 -43.78 25.19 -28.84
C PRO A 119 -43.86 23.73 -29.25
N ALA A 120 -43.62 23.43 -30.53
CA ALA A 120 -43.62 22.04 -30.97
C ALA A 120 -42.36 21.31 -30.51
N GLN A 121 -41.21 21.98 -30.56
CA GLN A 121 -39.97 21.37 -30.14
C GLN A 121 -39.94 21.17 -28.63
N LYS A 122 -39.35 20.07 -28.19
CA LYS A 122 -39.20 19.77 -26.78
C LYS A 122 -37.81 20.19 -26.31
N ASP A 123 -37.77 21.01 -25.27
CA ASP A 123 -36.52 21.48 -24.68
C ASP A 123 -36.20 20.72 -23.40
N PRO A 124 -34.94 20.69 -22.97
CA PRO A 124 -34.59 19.97 -21.74
C PRO A 124 -35.25 20.53 -20.49
N LEU A 125 -35.73 21.77 -20.52
CA LEU A 125 -36.37 22.39 -19.37
C LEU A 125 -37.86 22.07 -19.27
N THR A 126 -38.39 21.26 -20.19
CA THR A 126 -39.84 21.00 -20.22
C THR A 126 -40.39 20.33 -18.95
N PRO A 127 -39.82 19.24 -18.42
CA PRO A 127 -40.49 18.55 -17.31
C PRO A 127 -40.57 19.37 -16.02
N TYR A 128 -39.78 20.42 -15.89
CA TYR A 128 -39.77 21.23 -14.67
C TYR A 128 -40.83 22.33 -14.68
N LEU A 129 -41.61 22.43 -15.75
CA LEU A 129 -42.72 23.38 -15.78
C LEU A 129 -43.80 22.97 -14.78
N VAL A 130 -44.29 23.95 -14.03
CA VAL A 130 -45.29 23.72 -12.99
C VAL A 130 -46.54 24.51 -13.36
N ASN A 131 -47.70 23.85 -13.26
CA ASN A 131 -49.02 24.48 -13.44
C ASN A 131 -49.25 24.89 -14.90
N VAL A 132 -48.22 24.76 -15.73
CA VAL A 132 -48.32 25.09 -17.14
C VAL A 132 -47.98 23.85 -17.96
N LYS A 133 -48.47 23.83 -19.20
CA LYS A 133 -48.34 22.67 -20.08
C LYS A 133 -47.60 23.03 -21.37
N GLN A 134 -46.65 23.95 -21.28
CA GLN A 134 -45.82 24.45 -22.38
C GLN A 134 -46.65 25.12 -23.47
N THR A 135 -47.94 25.38 -23.23
CA THR A 135 -48.79 26.03 -24.21
C THR A 135 -48.60 27.55 -24.11
N ASP A 136 -49.48 28.30 -24.79
CA ASP A 136 -49.52 29.75 -24.83
C ASP A 136 -48.30 30.35 -25.53
N LEU A 137 -47.38 29.54 -26.05
CA LEU A 137 -46.23 30.05 -26.78
C LEU A 137 -46.53 30.19 -28.27
N GLU A 138 -47.64 30.87 -28.56
CA GLU A 138 -48.04 31.09 -29.97
C GLU A 138 -47.03 32.06 -30.61
N PRO A 139 -46.69 31.91 -31.91
CA PRO A 139 -45.78 32.84 -32.59
C PRO A 139 -46.36 34.26 -32.59
N GLY A 140 -47.67 34.40 -32.84
CA GLY A 140 -48.31 35.72 -32.88
C GLY A 140 -48.22 36.44 -31.54
N LYS A 141 -48.46 35.70 -30.45
CA LYS A 141 -48.44 36.32 -29.12
C LYS A 141 -46.99 36.47 -28.66
N TYR A 142 -46.71 37.56 -27.96
CA TYR A 142 -45.37 37.84 -27.44
C TYR A 142 -45.22 37.36 -26.00
N ASN A 143 -45.84 36.23 -25.69
CA ASN A 143 -45.83 35.68 -24.34
C ASN A 143 -44.40 35.40 -23.87
N VAL A 144 -44.17 35.65 -22.57
CA VAL A 144 -42.86 35.54 -21.97
C VAL A 144 -42.89 34.45 -20.90
N ILE A 145 -41.88 33.60 -20.91
CA ILE A 145 -41.63 32.65 -19.83
C ILE A 145 -40.45 33.16 -19.03
N LEU A 146 -40.57 33.11 -17.70
CA LEU A 146 -39.56 33.57 -16.75
C LEU A 146 -39.10 32.38 -15.88
N GLY A 147 -38.36 32.68 -14.82
CA GLY A 147 -37.95 31.69 -13.85
C GLY A 147 -38.55 31.93 -12.47
N GLU A 148 -38.67 30.86 -11.66
CA GLU A 148 -39.25 31.00 -10.33
C GLU A 148 -38.39 31.89 -9.43
N GLN A 149 -37.08 31.64 -9.43
CA GLN A 149 -36.18 32.47 -8.64
C GLN A 149 -36.22 33.92 -9.11
N LEU A 150 -36.19 34.11 -10.44
CA LEU A 150 -36.25 35.45 -10.99
C LEU A 150 -37.56 36.13 -10.64
N ALA A 151 -38.69 35.42 -10.80
CA ALA A 151 -40.00 36.00 -10.54
C ALA A 151 -40.14 36.41 -9.08
N SER A 152 -39.65 35.57 -8.17
CA SER A 152 -39.64 35.97 -6.75
C SER A 152 -38.67 37.13 -6.52
N GLN A 153 -37.61 37.22 -7.32
CA GLN A 153 -36.61 38.25 -7.10
C GLN A 153 -37.14 39.64 -7.48
N LEU A 154 -37.75 39.77 -8.65
CA LEU A 154 -38.21 41.09 -9.06
C LEU A 154 -39.67 41.35 -8.70
N GLY A 155 -40.36 40.35 -8.13
CA GLY A 155 -41.73 40.54 -7.71
C GLY A 155 -42.72 40.60 -8.84
N VAL A 156 -42.81 39.54 -9.64
CA VAL A 156 -43.74 39.44 -10.74
C VAL A 156 -44.44 38.09 -10.67
N ASN A 157 -45.76 38.10 -10.74
CA ASN A 157 -46.54 36.86 -10.73
C ASN A 157 -47.46 36.81 -11.95
N ARG A 158 -48.38 35.84 -11.96
CA ARG A 158 -49.29 35.70 -13.09
C ARG A 158 -50.20 36.92 -13.20
N GLY A 159 -50.35 37.41 -14.43
CA GLY A 159 -51.19 38.57 -14.68
C GLY A 159 -50.49 39.90 -14.62
N ASP A 160 -49.17 39.93 -14.81
CA ASP A 160 -48.40 41.16 -14.77
C ASP A 160 -47.79 41.44 -16.14
N GLN A 161 -47.15 42.60 -16.26
CA GLN A 161 -46.50 43.03 -17.50
C GLN A 161 -45.04 43.34 -17.22
N ILE A 162 -44.18 43.03 -18.19
CA ILE A 162 -42.75 43.24 -18.06
C ILE A 162 -42.25 44.01 -19.28
N ARG A 163 -41.53 45.10 -19.03
CA ARG A 163 -40.84 45.80 -20.10
C ARG A 163 -39.53 45.08 -20.40
N VAL A 164 -39.22 44.94 -21.68
CA VAL A 164 -38.04 44.23 -22.13
C VAL A 164 -37.18 45.19 -22.95
N MET A 165 -35.91 45.32 -22.55
CA MET A 165 -34.93 46.12 -23.27
C MET A 165 -33.77 45.25 -23.70
N VAL A 166 -33.30 45.45 -24.92
CA VAL A 166 -32.19 44.70 -25.49
C VAL A 166 -31.03 45.64 -25.71
N PRO A 167 -30.08 45.70 -24.79
CA PRO A 167 -28.92 46.59 -24.98
C PRO A 167 -28.08 46.26 -26.21
N SER A 168 -27.96 44.97 -26.55
CA SER A 168 -27.18 44.60 -27.72
C SER A 168 -27.83 45.11 -29.00
N ALA A 169 -29.15 45.04 -29.09
CA ALA A 169 -29.89 45.51 -30.26
C ALA A 169 -30.36 46.93 -29.99
N SER A 170 -29.44 47.88 -30.21
CA SER A 170 -29.70 49.30 -30.00
C SER A 170 -29.54 50.05 -31.31
N GLN A 171 -30.54 50.87 -31.63
CA GLN A 171 -30.51 51.70 -32.83
C GLN A 171 -29.90 53.05 -32.46
N PHE A 172 -28.65 53.27 -32.85
CA PHE A 172 -27.98 54.54 -32.55
C PHE A 172 -28.48 55.60 -33.52
N THR A 173 -29.00 56.69 -32.97
CA THR A 173 -29.55 57.79 -33.73
C THR A 173 -29.19 59.09 -33.03
N PRO A 174 -29.15 60.22 -33.76
CA PRO A 174 -28.85 61.49 -33.10
C PRO A 174 -30.03 62.09 -32.35
N MET A 175 -30.76 61.25 -31.62
CA MET A 175 -31.70 61.72 -30.60
C MET A 175 -31.91 60.57 -29.61
N GLY A 176 -31.50 60.79 -28.37
CA GLY A 176 -31.57 59.76 -27.35
C GLY A 176 -30.62 58.59 -27.64
N ARG A 177 -30.73 57.58 -26.79
CA ARG A 177 -30.01 56.32 -26.96
C ARG A 177 -30.96 55.15 -26.70
N ILE A 178 -32.13 55.21 -27.31
CA ILE A 178 -33.20 54.24 -27.07
C ILE A 178 -32.82 52.89 -27.66
N PRO A 179 -32.76 51.83 -26.84
CA PRO A 179 -32.54 50.49 -27.39
C PRO A 179 -33.85 49.84 -27.79
N SER A 180 -33.80 48.57 -28.19
CA SER A 180 -35.03 47.85 -28.52
C SER A 180 -35.92 47.76 -27.29
N GLN A 181 -37.21 48.07 -27.48
CA GLN A 181 -38.16 48.18 -26.38
C GLN A 181 -39.39 47.35 -26.71
N ARG A 182 -39.85 46.54 -25.74
CA ARG A 182 -41.03 45.74 -25.95
C ARG A 182 -41.78 45.57 -24.63
N LEU A 183 -43.05 45.20 -24.73
CA LEU A 183 -43.89 44.93 -23.57
C LEU A 183 -44.43 43.51 -23.66
N PHE A 184 -44.10 42.69 -22.66
CA PHE A 184 -44.48 41.29 -22.65
C PHE A 184 -45.42 41.01 -21.49
N ASN A 185 -46.26 40.00 -21.67
CA ASN A 185 -47.24 39.58 -20.66
C ASN A 185 -46.90 38.20 -20.16
N VAL A 186 -46.80 38.04 -18.84
CA VAL A 186 -46.57 36.74 -18.22
C VAL A 186 -47.91 36.11 -17.90
N ILE A 187 -48.15 34.91 -18.45
CA ILE A 187 -49.44 34.23 -18.29
C ILE A 187 -49.20 32.82 -17.75
N GLY A 188 -48.16 32.65 -16.95
CA GLY A 188 -47.88 31.34 -16.40
C GLY A 188 -46.88 31.39 -15.27
N THR A 189 -46.80 30.27 -14.54
CA THR A 189 -45.83 30.07 -13.48
C THR A 189 -44.85 29.00 -13.91
N PHE A 190 -43.55 29.27 -13.73
CA PHE A 190 -42.45 28.44 -14.22
C PHE A 190 -41.43 28.26 -13.10
N ALA A 191 -40.74 27.13 -13.13
CA ALA A 191 -39.79 26.80 -12.06
C ALA A 191 -38.76 25.82 -12.57
N ALA A 192 -37.66 25.71 -11.82
CA ALA A 192 -36.58 24.76 -12.08
C ALA A 192 -35.70 24.69 -10.85
N ASN A 193 -35.22 23.49 -10.54
CA ASN A 193 -34.37 23.29 -9.36
C ASN A 193 -32.90 23.29 -9.79
N SER A 194 -32.42 24.49 -10.11
CA SER A 194 -31.04 24.66 -10.55
C SER A 194 -30.63 26.12 -10.34
N GLU A 195 -29.34 26.38 -10.53
CA GLU A 195 -28.84 27.75 -10.49
C GLU A 195 -29.41 28.58 -11.63
N VAL A 196 -29.63 27.96 -12.79
CA VAL A 196 -30.12 28.68 -13.96
C VAL A 196 -31.50 29.27 -13.73
N ASP A 197 -32.24 28.78 -12.72
CA ASP A 197 -33.52 29.36 -12.38
C ASP A 197 -33.41 30.80 -11.92
N GLY A 198 -32.21 31.23 -11.50
CA GLY A 198 -32.03 32.61 -11.08
C GLY A 198 -32.25 33.61 -12.19
N TYR A 199 -31.90 33.24 -13.43
CA TYR A 199 -31.99 34.19 -14.53
C TYR A 199 -32.55 33.56 -15.80
N GLU A 200 -33.16 32.38 -15.74
CA GLU A 200 -33.75 31.78 -16.93
C GLU A 200 -35.02 32.53 -17.32
N MET A 201 -35.20 32.72 -18.63
CA MET A 201 -36.46 33.20 -19.14
C MET A 201 -36.55 32.80 -20.61
N LEU A 202 -37.75 32.43 -21.05
CA LEU A 202 -37.93 31.80 -22.35
C LEU A 202 -38.99 32.55 -23.16
N VAL A 203 -38.79 32.58 -24.48
CA VAL A 203 -39.72 33.18 -25.42
C VAL A 203 -39.68 32.37 -26.71
N ASN A 204 -40.57 32.72 -27.65
CA ASN A 204 -40.55 32.11 -28.96
C ASN A 204 -39.39 32.65 -29.78
N ILE A 205 -38.93 31.84 -30.74
CA ILE A 205 -37.83 32.27 -31.61
C ILE A 205 -38.27 33.44 -32.48
N GLU A 206 -39.46 33.37 -33.05
CA GLU A 206 -39.96 34.42 -33.93
C GLU A 206 -40.41 35.61 -33.08
N ASP A 207 -39.56 36.64 -33.03
CA ASP A 207 -39.89 37.87 -32.33
C ASP A 207 -39.09 39.00 -32.94
N ALA A 208 -39.56 40.23 -32.72
CA ALA A 208 -38.88 41.43 -33.18
C ALA A 208 -38.01 42.06 -32.09
N SER A 209 -37.51 41.25 -31.16
CA SER A 209 -36.70 41.78 -30.07
C SER A 209 -35.39 42.36 -30.58
N ARG A 210 -34.75 41.69 -31.54
CA ARG A 210 -33.49 42.17 -32.09
C ARG A 210 -33.75 43.29 -33.09
N LEU A 211 -32.67 43.82 -33.66
CA LEU A 211 -32.81 44.82 -34.72
C LEU A 211 -33.44 44.19 -35.96
N MET A 212 -32.89 43.09 -36.42
CA MET A 212 -33.37 42.40 -37.62
C MET A 212 -32.68 41.05 -37.66
N GLY A 217 -37.71 38.48 -37.41
CA GLY A 217 -36.83 39.64 -37.41
C GLY A 217 -35.89 39.65 -36.21
N ASN A 218 -35.11 38.57 -36.06
CA ASN A 218 -34.18 38.44 -34.96
C ASN A 218 -33.09 37.46 -35.34
N ILE A 219 -32.02 37.45 -34.55
CA ILE A 219 -30.93 36.50 -34.78
C ILE A 219 -31.42 35.09 -34.49
N THR A 220 -30.77 34.11 -35.12
CA THR A 220 -31.14 32.70 -34.99
C THR A 220 -29.89 31.88 -34.73
N GLY A 221 -29.63 31.59 -33.45
CA GLY A 221 -28.57 30.66 -33.09
C GLY A 221 -29.03 29.23 -33.22
N TRP A 222 -28.14 28.32 -32.84
CA TRP A 222 -28.40 26.88 -32.92
C TRP A 222 -27.83 26.20 -31.69
N ARG A 223 -28.71 25.79 -30.78
CA ARG A 223 -28.27 25.07 -29.59
C ARG A 223 -27.68 23.73 -30.00
N LEU A 224 -26.54 23.38 -29.39
CA LEU A 224 -25.78 22.20 -29.79
C LEU A 224 -25.47 21.39 -28.55
N TRP A 225 -26.21 20.30 -28.34
CA TRP A 225 -25.95 19.40 -27.22
C TRP A 225 -24.63 18.67 -27.43
N LEU A 226 -23.93 18.43 -26.33
CA LEU A 226 -22.62 17.78 -26.34
C LEU A 226 -22.70 16.45 -25.62
N ASP A 227 -22.20 15.39 -26.27
CA ASP A 227 -22.10 14.10 -25.60
C ASP A 227 -21.11 14.17 -24.44
N GLU A 228 -20.00 14.89 -24.63
CA GLU A 228 -19.05 15.16 -23.56
C GLU A 228 -19.04 16.66 -23.31
N PRO A 229 -19.75 17.16 -22.30
CA PRO A 229 -19.78 18.61 -22.04
C PRO A 229 -18.46 19.18 -21.56
N LEU A 230 -17.47 18.35 -21.24
CA LEU A 230 -16.13 18.83 -20.90
C LEU A 230 -15.17 18.76 -22.08
N LYS A 231 -15.63 18.33 -23.25
CA LYS A 231 -14.83 18.28 -24.47
C LYS A 231 -14.61 19.66 -25.06
N VAL A 232 -15.34 20.68 -24.58
CA VAL A 232 -15.45 21.98 -25.22
C VAL A 232 -14.09 22.65 -25.44
N ASP A 233 -13.05 22.23 -24.73
CA ASP A 233 -11.70 22.72 -25.01
C ASP A 233 -11.25 22.39 -26.42
N SER A 234 -11.87 21.39 -27.05
CA SER A 234 -11.56 21.00 -28.43
C SER A 234 -12.64 21.46 -29.41
N LEU A 235 -13.19 22.66 -29.17
CA LEU A 235 -14.18 23.25 -30.06
C LEU A 235 -13.55 24.12 -31.15
N SER A 236 -12.29 23.85 -31.49
CA SER A 236 -11.60 24.69 -32.47
C SER A 236 -12.14 24.48 -33.88
N GLN A 237 -12.49 23.24 -34.22
CA GLN A 237 -12.91 22.91 -35.58
C GLN A 237 -14.38 23.28 -35.75
N GLN A 238 -14.64 24.41 -36.39
CA GLN A 238 -15.99 24.86 -36.69
C GLN A 238 -15.95 25.81 -37.87
N LYS A 239 -17.10 25.98 -38.51
CA LYS A 239 -17.23 26.87 -39.66
C LYS A 239 -18.38 27.84 -39.41
N LEU A 240 -18.20 29.09 -39.87
CA LEU A 240 -19.16 30.15 -39.62
C LEU A 240 -18.98 31.23 -40.67
N PRO A 241 -20.03 31.96 -41.01
CA PRO A 241 -19.90 33.04 -42.00
C PRO A 241 -19.38 34.34 -41.38
N GLU A 242 -19.12 35.30 -42.26
CA GLU A 242 -18.61 36.60 -41.82
C GLU A 242 -19.69 37.35 -41.04
N GLY A 243 -19.27 38.10 -40.04
CA GLY A 243 -20.17 38.82 -39.17
C GLY A 243 -20.62 38.06 -37.94
N SER A 244 -20.25 36.79 -37.83
CA SER A 244 -20.64 35.98 -36.68
C SER A 244 -19.42 35.28 -36.08
N LYS A 245 -19.65 34.37 -35.15
CA LYS A 245 -18.57 33.66 -34.47
C LYS A 245 -19.14 32.35 -33.93
N TRP A 246 -18.31 31.63 -33.17
CA TRP A 246 -18.75 30.45 -32.44
C TRP A 246 -18.58 30.69 -30.95
N GLN A 247 -19.54 30.20 -30.16
CA GLN A 247 -19.56 30.43 -28.73
C GLN A 247 -19.63 29.09 -28.00
N ASP A 248 -19.25 29.13 -26.73
CA ASP A 248 -19.21 27.95 -25.87
C ASP A 248 -19.92 28.25 -24.56
N TRP A 249 -20.14 27.20 -23.77
CA TRP A 249 -20.71 27.41 -22.44
C TRP A 249 -19.70 28.05 -21.48
N ARG A 250 -18.42 28.09 -21.86
CA ARG A 250 -17.39 28.64 -20.99
C ARG A 250 -17.45 30.16 -20.88
N ASP A 251 -18.23 30.83 -21.74
CA ASP A 251 -18.38 32.27 -21.61
C ASP A 251 -19.03 32.64 -20.28
N ARG A 252 -20.06 31.90 -19.88
CA ARG A 252 -20.57 31.95 -18.53
C ARG A 252 -19.91 30.87 -17.69
N LYS A 253 -19.92 31.07 -16.37
CA LYS A 253 -19.37 30.11 -15.42
C LYS A 253 -17.92 29.76 -15.75
N GLY A 254 -17.16 30.77 -16.20
CA GLY A 254 -15.76 30.52 -16.52
C GLY A 254 -14.94 30.10 -15.32
N GLU A 255 -15.19 30.74 -14.17
CA GLU A 255 -14.53 30.30 -12.94
C GLU A 255 -14.97 28.90 -12.54
N LEU A 256 -16.22 28.53 -12.86
CA LEU A 256 -16.66 27.16 -12.62
C LEU A 256 -15.89 26.18 -13.49
N PHE A 257 -15.64 26.54 -14.75
CA PHE A 257 -14.83 25.69 -15.62
C PHE A 257 -13.40 25.56 -15.10
N GLN A 258 -12.83 26.67 -14.64
CA GLN A 258 -11.47 26.62 -14.09
C GLN A 258 -11.42 25.75 -12.83
N ALA A 259 -12.43 25.88 -11.96
CA ALA A 259 -12.47 25.06 -10.75
C ALA A 259 -12.63 23.58 -11.08
N VAL A 260 -13.46 23.27 -12.08
CA VAL A 260 -13.64 21.88 -12.49
C VAL A 260 -12.34 21.31 -13.03
N ARG A 261 -11.62 22.09 -13.86
CA ARG A 261 -10.35 21.63 -14.39
C ARG A 261 -9.32 21.41 -13.28
N MET A 262 -9.26 22.35 -12.33
CA MET A 262 -8.31 22.20 -11.23
C MET A 262 -8.64 20.98 -10.38
N GLU A 263 -9.91 20.75 -10.09
CA GLU A 263 -10.30 19.60 -9.29
C GLU A 263 -9.98 18.31 -10.02
N LYS A 264 -10.23 18.25 -11.33
CA LYS A 264 -9.90 17.06 -12.10
C LYS A 264 -8.40 16.80 -12.08
N ASN A 265 -7.59 17.85 -12.21
CA ASN A 265 -6.14 17.70 -12.15
C ASN A 265 -5.70 17.15 -10.79
N MET A 266 -6.24 17.72 -9.71
CA MET A 266 -5.86 17.28 -8.37
C MET A 266 -6.29 15.83 -8.12
N MET A 267 -7.48 15.47 -8.59
CA MET A 267 -7.93 14.09 -8.44
C MET A 267 -7.06 13.14 -9.24
N GLY A 268 -6.63 13.55 -10.44
CA GLY A 268 -5.70 12.72 -11.20
C GLY A 268 -4.38 12.52 -10.49
N LEU A 269 -3.86 13.59 -9.86
CA LEU A 269 -2.62 13.47 -9.11
C LEU A 269 -2.77 12.51 -7.93
N LEU A 270 -3.87 12.64 -7.19
CA LEU A 270 -4.09 11.74 -6.06
C LEU A 270 -4.26 10.30 -6.52
N LEU A 271 -4.89 10.10 -7.67
CA LEU A 271 -5.00 8.76 -8.23
C LEU A 271 -3.64 8.20 -8.59
N SER A 272 -2.78 9.03 -9.18
CA SER A 272 -1.43 8.59 -9.51
C SER A 272 -0.66 8.21 -8.26
N LEU A 273 -0.81 8.99 -7.19
CA LEU A 273 -0.14 8.66 -5.93
C LEU A 273 -0.65 7.34 -5.36
N ILE A 274 -1.97 7.12 -5.40
CA ILE A 274 -2.53 5.87 -4.89
C ILE A 274 -2.02 4.68 -5.71
N VAL A 275 -1.99 4.82 -7.03
CA VAL A 275 -1.51 3.74 -7.88
C VAL A 275 -0.04 3.46 -7.61
N ALA A 276 0.76 4.52 -7.45
CA ALA A 276 2.20 4.35 -7.20
C ALA A 276 2.44 3.63 -5.87
N VAL A 277 1.69 3.98 -4.83
CA VAL A 277 1.87 3.31 -3.54
C VAL A 277 1.38 1.86 -3.61
N ALA A 278 0.23 1.63 -4.25
CA ALA A 278 -0.33 0.28 -4.31
C ALA A 278 0.53 -0.64 -5.16
N ALA A 279 1.05 -0.14 -6.29
CA ALA A 279 1.86 -0.98 -7.17
C ALA A 279 3.17 -1.37 -6.51
N PHE A 280 3.74 -0.47 -5.70
CA PHE A 280 4.96 -0.80 -4.96
C PHE A 280 4.70 -1.89 -3.94
N ASN A 281 3.57 -1.83 -3.24
CA ASN A 281 3.27 -2.81 -2.21
C ASN A 281 3.09 -4.20 -2.80
N ILE A 282 2.41 -4.30 -3.94
CA ILE A 282 2.23 -5.59 -4.60
C ILE A 282 3.56 -6.14 -5.08
N ILE A 283 4.41 -5.27 -5.65
CA ILE A 283 5.67 -5.72 -6.24
C ILE A 283 6.60 -6.26 -5.16
N THR A 284 6.71 -5.55 -4.03
CA THR A 284 7.67 -5.94 -3.01
C THR A 284 7.19 -7.13 -2.19
N SER A 285 5.90 -7.18 -1.84
CA SER A 285 5.41 -8.23 -0.97
C SER A 285 5.54 -9.60 -1.61
N LEU A 286 5.14 -9.72 -2.87
CA LEU A 286 5.24 -11.00 -3.57
C LEU A 286 6.69 -11.39 -3.82
N GLY A 287 7.54 -10.40 -4.12
CA GLY A 287 8.95 -10.68 -4.28
C GLY A 287 9.60 -11.19 -3.01
N LEU A 288 9.20 -10.61 -1.86
CA LEU A 288 9.72 -11.07 -0.58
C LEU A 288 9.17 -12.45 -0.23
N MET A 289 7.92 -12.73 -0.60
CA MET A 289 7.36 -14.06 -0.39
C MET A 289 8.11 -15.10 -1.20
N VAL A 290 8.50 -14.75 -2.43
CA VAL A 290 9.30 -15.68 -3.24
C VAL A 290 10.69 -15.85 -2.65
N MET A 291 11.33 -14.74 -2.26
CA MET A 291 12.70 -14.81 -1.75
C MET A 291 12.78 -15.53 -0.41
N GLU A 292 11.70 -15.50 0.39
CA GLU A 292 11.77 -16.09 1.72
C GLU A 292 11.87 -17.61 1.66
N LYS A 293 11.20 -18.24 0.68
CA LYS A 293 11.29 -19.68 0.51
C LYS A 293 12.30 -20.04 -0.59
N GLN A 294 13.53 -19.58 -0.39
CA GLN A 294 14.62 -19.97 -1.29
C GLN A 294 15.16 -21.35 -0.98
N GLY A 295 14.88 -21.88 0.22
CA GLY A 295 15.30 -23.23 0.53
C GLY A 295 14.39 -24.29 -0.04
N GLU A 296 13.12 -23.97 -0.23
CA GLU A 296 12.18 -24.94 -0.79
C GLU A 296 12.49 -25.22 -2.25
N VAL A 297 12.77 -24.17 -3.03
CA VAL A 297 13.10 -24.36 -4.43
C VAL A 297 14.41 -25.11 -4.60
N ALA A 298 15.31 -25.00 -3.62
CA ALA A 298 16.54 -25.78 -3.68
C ALA A 298 16.24 -27.27 -3.55
N ILE A 299 15.35 -27.64 -2.63
CA ILE A 299 14.95 -29.03 -2.49
C ILE A 299 14.24 -29.52 -3.75
N LEU A 300 13.37 -28.68 -4.32
CA LEU A 300 12.66 -29.06 -5.53
C LEU A 300 13.61 -29.27 -6.69
N GLN A 301 14.63 -28.40 -6.82
CA GLN A 301 15.64 -28.57 -7.86
C GLN A 301 16.49 -29.80 -7.60
N THR A 302 16.75 -30.12 -6.32
CA THR A 302 17.46 -31.36 -6.00
C THR A 302 16.68 -32.57 -6.45
N GLN A 303 15.35 -32.56 -6.26
CA GLN A 303 14.53 -33.68 -6.67
C GLN A 303 14.30 -33.75 -8.17
N GLY A 304 14.63 -32.69 -8.91
CA GLY A 304 14.54 -32.74 -10.36
C GLY A 304 13.45 -31.89 -10.97
N LEU A 305 13.19 -30.71 -10.40
CA LEU A 305 12.20 -29.79 -10.97
C LEU A 305 12.88 -28.82 -11.93
N THR A 306 12.33 -28.72 -13.13
CA THR A 306 12.81 -27.77 -14.11
C THR A 306 12.56 -26.35 -13.62
N PRO A 307 13.47 -25.40 -13.89
CA PRO A 307 13.23 -24.00 -13.50
C PRO A 307 11.94 -23.43 -14.07
N ARG A 308 11.51 -23.87 -15.25
CA ARG A 308 10.22 -23.46 -15.77
C ARG A 308 9.09 -23.91 -14.85
N GLN A 309 9.21 -25.10 -14.26
CA GLN A 309 8.20 -25.58 -13.33
C GLN A 309 8.18 -24.75 -12.06
N ILE A 310 9.34 -24.32 -11.57
CA ILE A 310 9.38 -23.44 -10.41
C ILE A 310 8.74 -22.09 -10.73
N MET A 311 9.02 -21.57 -11.92
CA MET A 311 8.38 -20.33 -12.35
C MET A 311 6.86 -20.48 -12.40
N MET A 312 6.39 -21.63 -12.90
CA MET A 312 4.95 -21.89 -12.92
C MET A 312 4.38 -21.99 -11.52
N VAL A 313 5.10 -22.61 -10.59
CA VAL A 313 4.65 -22.70 -9.20
C VAL A 313 4.44 -21.31 -8.62
N PHE A 314 5.45 -20.46 -8.77
CA PHE A 314 5.36 -19.13 -8.17
C PHE A 314 4.35 -18.25 -8.89
N MET A 315 4.21 -18.40 -10.20
CA MET A 315 3.19 -17.66 -10.94
C MET A 315 1.79 -18.09 -10.51
N VAL A 316 1.59 -19.38 -10.26
CA VAL A 316 0.29 -19.87 -9.79
C VAL A 316 0.00 -19.30 -8.41
N GLN A 317 0.99 -19.27 -7.52
CA GLN A 317 0.77 -18.68 -6.20
C GLN A 317 0.43 -17.19 -6.31
N GLY A 318 1.15 -16.47 -7.16
CA GLY A 318 0.87 -15.05 -7.35
C GLY A 318 -0.51 -14.80 -7.92
N ALA A 319 -0.93 -15.62 -8.90
CA ALA A 319 -2.26 -15.48 -9.46
C ALA A 319 -3.34 -15.80 -8.43
N SER A 320 -3.12 -16.83 -7.61
CA SER A 320 -4.10 -17.19 -6.60
C SER A 320 -4.26 -16.09 -5.57
N ALA A 321 -3.15 -15.45 -5.19
CA ALA A 321 -3.26 -14.30 -4.29
C ALA A 321 -3.96 -13.13 -4.97
N GLY A 322 -3.55 -12.82 -6.20
CA GLY A 322 -4.04 -11.63 -6.86
C GLY A 322 -5.51 -11.68 -7.22
N ILE A 323 -6.00 -12.84 -7.67
CA ILE A 323 -7.40 -12.97 -8.05
C ILE A 323 -8.31 -12.77 -6.84
N ILE A 324 -7.97 -13.41 -5.73
CA ILE A 324 -8.76 -13.26 -4.52
C ILE A 324 -8.71 -11.82 -4.03
N GLY A 325 -7.51 -11.22 -4.03
CA GLY A 325 -7.39 -9.84 -3.59
C GLY A 325 -8.19 -8.88 -4.45
N ALA A 326 -8.14 -9.07 -5.78
CA ALA A 326 -8.85 -8.18 -6.69
C ALA A 326 -10.37 -8.34 -6.54
N ILE A 327 -10.86 -9.58 -6.44
CA ILE A 327 -12.30 -9.80 -6.29
C ILE A 327 -12.80 -9.19 -4.98
N LEU A 328 -12.08 -9.46 -3.89
CA LEU A 328 -12.49 -8.91 -2.60
C LEU A 328 -12.43 -7.39 -2.60
N GLY A 329 -11.40 -6.82 -3.23
CA GLY A 329 -11.30 -5.37 -3.29
C GLY A 329 -12.41 -4.74 -4.12
N ALA A 330 -12.75 -5.35 -5.24
CA ALA A 330 -13.84 -4.83 -6.06
C ALA A 330 -15.17 -4.89 -5.30
N ALA A 331 -15.43 -6.01 -4.63
CA ALA A 331 -16.68 -6.13 -3.87
C ALA A 331 -16.73 -5.13 -2.73
N LEU A 332 -15.64 -4.99 -1.98
CA LEU A 332 -15.62 -4.08 -0.85
C LEU A 332 -15.70 -2.62 -1.31
N GLY A 333 -15.05 -2.28 -2.42
CA GLY A 333 -15.13 -0.93 -2.92
C GLY A 333 -16.51 -0.57 -3.42
N ALA A 334 -17.17 -1.50 -4.13
CA ALA A 334 -18.55 -1.26 -4.56
C ALA A 334 -19.47 -1.09 -3.36
N LEU A 335 -19.31 -1.93 -2.34
CA LEU A 335 -20.15 -1.82 -1.14
C LEU A 335 -19.90 -0.51 -0.42
N LEU A 336 -18.65 -0.07 -0.32
CA LEU A 336 -18.34 1.18 0.36
C LEU A 336 -18.85 2.38 -0.42
N ALA A 337 -18.74 2.35 -1.75
CA ALA A 337 -19.27 3.44 -2.56
C ALA A 337 -20.78 3.52 -2.44
N SER A 338 -21.47 2.37 -2.50
CA SER A 338 -22.91 2.39 -2.41
C SER A 338 -23.43 2.70 -1.01
N GLN A 339 -22.58 2.64 0.00
CA GLN A 339 -22.98 2.88 1.39
C GLN A 339 -22.10 3.94 2.05
N LEU A 340 -21.80 5.01 1.31
CA LEU A 340 -21.01 6.09 1.88
C LEU A 340 -21.85 7.08 2.67
N ASN A 341 -23.17 7.02 2.56
CA ASN A 341 -24.06 7.94 3.26
C ASN A 341 -25.03 7.24 4.20
N ASN A 342 -25.61 6.11 3.77
CA ASN A 342 -26.57 5.41 4.62
C ASN A 342 -25.90 4.86 5.87
N LEU A 343 -24.74 4.21 5.70
CA LEU A 343 -23.98 3.76 6.86
C LEU A 343 -23.31 4.92 7.57
N MET A 344 -23.10 6.03 6.88
CA MET A 344 -22.39 7.19 7.39
C MET A 344 -21.03 6.81 7.98
N PRO A 345 -20.12 6.25 7.17
CA PRO A 345 -18.79 5.93 7.71
C PRO A 345 -17.93 7.15 7.94
N ILE A 346 -18.05 8.15 7.08
CA ILE A 346 -17.37 9.44 7.29
C ILE A 346 -18.33 10.26 8.14
N ILE A 347 -18.23 10.07 9.46
CA ILE A 347 -19.15 10.72 10.38
C ILE A 347 -18.94 12.22 10.38
N GLY A 348 -17.69 12.66 10.31
CA GLY A 348 -17.39 14.08 10.22
C GLY A 348 -17.65 14.63 8.83
N VAL A 349 -18.90 14.59 8.39
CA VAL A 349 -19.26 15.12 7.08
C VAL A 349 -19.35 16.64 7.16
N LEU A 350 -19.02 17.30 6.05
CA LEU A 350 -19.07 18.75 6.02
C LEU A 350 -20.52 19.24 5.98
N LEU A 351 -20.70 20.50 6.37
CA LEU A 351 -22.03 21.09 6.40
C LEU A 351 -22.56 21.25 4.98
N ASP A 352 -23.74 20.67 4.73
CA ASP A 352 -24.39 20.68 3.41
C ASP A 352 -23.49 20.11 2.32
N GLY A 353 -22.70 19.10 2.65
CA GLY A 353 -21.82 18.47 1.69
C GLY A 353 -22.06 16.98 1.56
N ALA A 354 -22.29 16.51 0.34
CA ALA A 354 -22.58 15.10 0.09
C ALA A 354 -21.73 14.59 -1.06
N ALA A 355 -21.46 13.29 -1.04
CA ALA A 355 -20.70 12.61 -2.08
C ALA A 355 -21.63 11.71 -2.87
N LEU A 356 -21.61 11.85 -4.19
CA LEU A 356 -22.51 11.11 -5.06
C LEU A 356 -21.72 10.08 -5.85
N PRO A 357 -21.96 8.78 -5.64
CA PRO A 357 -21.32 7.76 -6.46
C PRO A 357 -22.20 7.29 -7.62
N VAL A 358 -21.55 6.60 -8.57
CA VAL A 358 -22.24 5.80 -9.58
C VAL A 358 -21.79 4.35 -9.50
N ALA A 359 -20.49 4.12 -9.27
CA ALA A 359 -19.88 2.78 -9.28
C ALA A 359 -20.17 2.06 -10.60
N ILE A 360 -19.78 2.70 -11.70
CA ILE A 360 -20.05 2.14 -13.02
C ILE A 360 -19.15 0.93 -13.25
N GLU A 361 -19.77 -0.18 -13.63
CA GLU A 361 -19.09 -1.47 -13.70
C GLU A 361 -18.18 -1.66 -14.92
N PRO A 362 -18.70 -1.59 -16.16
CA PRO A 362 -17.97 -2.21 -17.28
C PRO A 362 -16.58 -1.65 -17.55
N LEU A 363 -16.38 -0.35 -17.35
CA LEU A 363 -15.13 0.30 -17.78
C LEU A 363 -14.23 0.72 -16.63
N GLN A 364 -14.69 0.62 -15.38
CA GLN A 364 -13.89 1.07 -14.25
C GLN A 364 -13.50 -0.07 -13.32
N VAL A 365 -14.47 -0.84 -12.81
CA VAL A 365 -14.15 -1.87 -11.82
C VAL A 365 -13.64 -3.16 -12.45
N ILE A 366 -13.55 -3.22 -13.77
CA ILE A 366 -13.07 -4.42 -14.46
C ILE A 366 -11.61 -4.26 -14.90
N VAL A 367 -11.27 -3.12 -15.48
CA VAL A 367 -9.90 -2.91 -15.94
C VAL A 367 -8.93 -2.81 -14.77
N ILE A 368 -9.38 -2.23 -13.66
CA ILE A 368 -8.52 -2.08 -12.49
C ILE A 368 -8.14 -3.45 -11.93
N ALA A 369 -9.13 -4.34 -11.82
CA ALA A 369 -8.86 -5.68 -11.32
C ALA A 369 -7.91 -6.45 -12.24
N LEU A 370 -8.10 -6.31 -13.55
CA LEU A 370 -7.23 -7.00 -14.50
C LEU A 370 -5.80 -6.47 -14.41
N VAL A 371 -5.66 -5.15 -14.28
CA VAL A 371 -4.32 -4.57 -14.17
C VAL A 371 -3.66 -5.00 -12.86
N ALA A 372 -4.43 -5.08 -11.78
CA ALA A 372 -3.88 -5.57 -10.52
C ALA A 372 -3.42 -7.02 -10.63
N MET A 373 -4.21 -7.87 -11.29
CA MET A 373 -3.82 -9.26 -11.48
C MET A 373 -2.58 -9.38 -12.35
N ALA A 374 -2.48 -8.55 -13.40
CA ALA A 374 -1.29 -8.58 -14.25
C ALA A 374 -0.06 -8.12 -13.49
N ILE A 375 -0.21 -7.11 -12.63
CA ILE A 375 0.91 -6.67 -11.79
C ILE A 375 1.32 -7.76 -10.83
N ALA A 376 0.35 -8.46 -10.25
CA ALA A 376 0.66 -9.58 -9.36
C ALA A 376 1.40 -10.69 -10.09
N LEU A 377 1.02 -10.97 -11.32
CA LEU A 377 1.73 -11.97 -12.11
C LEU A 377 3.15 -11.52 -12.41
N LEU A 378 3.32 -10.28 -12.86
CA LEU A 378 4.63 -9.83 -13.31
C LEU A 378 5.59 -9.60 -12.15
N SER A 379 5.07 -9.32 -10.96
CA SER A 379 5.95 -9.08 -9.81
C SER A 379 6.68 -10.34 -9.36
N THR A 380 6.14 -11.50 -9.67
CA THR A 380 6.69 -12.75 -9.19
C THR A 380 7.77 -13.32 -10.12
N LEU A 381 7.72 -12.97 -11.40
CA LEU A 381 8.55 -13.65 -12.40
C LEU A 381 10.04 -13.47 -12.14
N TYR A 382 10.49 -12.23 -11.94
CA TYR A 382 11.92 -11.99 -11.73
C TYR A 382 12.46 -12.61 -10.44
N PRO A 383 11.82 -12.45 -9.27
CA PRO A 383 12.39 -13.10 -8.07
C PRO A 383 12.46 -14.61 -8.18
N SER A 384 11.49 -15.25 -8.82
CA SER A 384 11.55 -16.69 -9.01
C SER A 384 12.70 -17.09 -9.92
N TRP A 385 12.94 -16.31 -10.98
CA TRP A 385 14.07 -16.57 -11.86
C TRP A 385 15.39 -16.41 -11.11
N ARG A 386 15.48 -15.40 -10.26
CA ARG A 386 16.70 -15.20 -9.48
C ARG A 386 16.91 -16.35 -8.49
N ALA A 387 15.84 -16.81 -7.86
CA ALA A 387 15.96 -17.90 -6.89
C ALA A 387 16.31 -19.23 -7.57
N ALA A 388 15.78 -19.46 -8.77
CA ALA A 388 16.04 -20.69 -9.49
C ALA A 388 17.46 -20.77 -10.06
N ALA A 389 18.22 -19.67 -10.03
CA ALA A 389 19.56 -19.66 -10.59
C ALA A 389 20.62 -20.11 -9.59
N THR A 390 20.37 -19.94 -8.30
CA THR A 390 21.34 -20.33 -7.29
C THR A 390 21.47 -21.84 -7.22
N GLN A 391 22.68 -22.31 -6.93
CA GLN A 391 22.93 -23.74 -6.80
C GLN A 391 22.20 -24.29 -5.58
N PRO A 392 21.67 -25.52 -5.66
CA PRO A 392 20.92 -26.07 -4.52
C PRO A 392 21.74 -26.18 -3.24
N ALA A 393 23.03 -26.53 -3.34
CA ALA A 393 23.85 -26.64 -2.15
C ALA A 393 24.26 -25.30 -1.59
N GLU A 394 24.14 -24.22 -2.37
CA GLU A 394 24.48 -22.89 -1.87
C GLU A 394 23.34 -22.28 -1.09
N ALA A 395 22.10 -22.41 -1.59
CA ALA A 395 20.96 -21.83 -0.91
C ALA A 395 20.64 -22.57 0.38
N LEU A 396 20.89 -23.88 0.41
CA LEU A 396 20.54 -24.69 1.57
C LEU A 396 21.54 -24.56 2.71
N ARG A 397 22.65 -23.86 2.50
CA ARG A 397 23.60 -23.62 3.59
C ARG A 397 23.05 -22.65 4.63
N TYR A 398 22.00 -21.91 4.32
CA TYR A 398 21.43 -20.94 5.25
C TYR A 398 20.20 -21.50 5.94
N PRO B 4 25.88 -0.56 23.23
CA PRO B 4 24.83 -1.38 23.87
C PRO B 4 24.56 -2.65 23.10
N LEU B 5 24.21 -3.72 23.81
CA LEU B 5 24.02 -5.02 23.18
C LEU B 5 22.83 -5.03 22.22
N SER B 6 21.73 -4.38 22.62
CA SER B 6 20.52 -4.40 21.80
C SER B 6 20.74 -3.72 20.47
N LEU B 7 21.45 -2.60 20.46
CA LEU B 7 21.76 -1.92 19.20
C LEU B 7 22.64 -2.80 18.31
N LEU B 8 23.60 -3.50 18.91
CA LEU B 8 24.45 -4.40 18.15
C LEU B 8 23.62 -5.50 17.48
N ILE B 9 22.72 -6.10 18.24
CA ILE B 9 21.89 -7.18 17.69
C ILE B 9 20.96 -6.65 16.60
N GLY B 10 20.38 -5.46 16.82
CA GLY B 10 19.51 -4.88 15.80
C GLY B 10 20.25 -4.56 14.52
N LEU B 11 21.45 -4.01 14.63
CA LEU B 11 22.24 -3.70 13.44
C LEU B 11 22.65 -4.97 12.70
N ARG B 12 23.04 -6.01 13.45
CA ARG B 12 23.39 -7.28 12.83
C ARG B 12 22.18 -7.89 12.12
N PHE B 13 21.00 -7.76 12.72
CA PHE B 13 19.77 -8.23 12.06
C PHE B 13 19.51 -7.43 10.79
N SER B 14 19.81 -6.13 10.82
CA SER B 14 19.61 -5.29 9.64
C SER B 14 20.52 -5.72 8.50
N ARG B 15 21.78 -6.01 8.79
CA ARG B 15 22.74 -6.40 7.75
C ARG B 15 22.93 -7.91 7.63
N GLY B 16 21.93 -8.68 8.06
CA GLY B 16 22.14 -10.12 8.27
C GLY B 16 22.40 -10.92 7.01
N ARG B 17 21.64 -10.66 5.95
CA ARG B 17 21.65 -11.51 4.76
C ARG B 17 23.03 -11.61 4.12
N ARG B 18 23.63 -12.80 4.17
CA ARG B 18 25.01 -13.03 3.73
C ARG B 18 25.94 -12.03 4.39
N ARG B 19 26.95 -11.56 3.65
CA ARG B 19 27.68 -10.38 4.11
C ARG B 19 26.79 -9.15 4.12
N GLY B 20 25.98 -8.99 3.08
CA GLY B 20 25.03 -7.91 3.00
C GLY B 20 25.58 -6.58 2.54
N GLY B 21 26.89 -6.49 2.28
CA GLY B 21 27.47 -5.20 1.99
C GLY B 21 27.27 -4.27 3.16
N MET B 22 26.35 -3.31 2.99
CA MET B 22 25.90 -2.47 4.09
C MET B 22 24.62 -2.99 4.74
N VAL B 23 23.57 -3.20 3.94
CA VAL B 23 22.28 -3.64 4.45
C VAL B 23 21.70 -4.73 3.56
N SER B 24 20.73 -5.47 4.11
CA SER B 24 20.15 -6.63 3.46
C SER B 24 18.99 -6.23 2.55
N LEU B 25 18.44 -7.24 1.86
CA LEU B 25 17.29 -7.01 0.99
C LEU B 25 16.06 -6.63 1.78
N ILE B 26 15.83 -7.28 2.92
CA ILE B 26 14.70 -6.93 3.79
C ILE B 26 14.85 -5.49 4.28
N SER B 27 16.09 -5.04 4.51
CA SER B 27 16.30 -3.69 5.00
C SER B 27 15.99 -2.65 3.94
N VAL B 28 16.48 -2.85 2.71
CA VAL B 28 16.25 -1.87 1.66
C VAL B 28 14.78 -1.86 1.25
N ILE B 29 14.14 -3.03 1.22
CA ILE B 29 12.72 -3.07 0.88
C ILE B 29 11.89 -2.42 1.98
N SER B 30 12.27 -2.64 3.24
CA SER B 30 11.52 -2.06 4.35
C SER B 30 11.81 -0.60 4.60
N THR B 31 12.87 -0.04 4.00
CA THR B 31 13.21 1.35 4.23
C THR B 31 12.85 2.27 3.07
N ILE B 32 12.55 1.73 1.89
CA ILE B 32 12.08 2.56 0.79
C ILE B 32 10.57 2.59 0.72
N GLY B 33 9.87 1.68 1.40
CA GLY B 33 8.44 1.83 1.55
C GLY B 33 8.08 3.00 2.45
N ILE B 34 8.84 3.20 3.52
CA ILE B 34 8.62 4.34 4.39
C ILE B 34 8.92 5.64 3.67
N ALA B 35 10.00 5.66 2.89
CA ALA B 35 10.34 6.86 2.12
C ALA B 35 9.26 7.20 1.12
N LEU B 36 8.75 6.19 0.39
CA LEU B 36 7.69 6.43 -0.56
C LEU B 36 6.41 6.91 0.13
N GLY B 37 6.08 6.32 1.27
CA GLY B 37 4.89 6.75 1.99
C GLY B 37 4.99 8.19 2.47
N VAL B 38 6.14 8.56 3.04
CA VAL B 38 6.34 9.93 3.50
C VAL B 38 6.29 10.90 2.33
N ALA B 39 6.93 10.53 1.22
CA ALA B 39 6.94 11.41 0.04
C ALA B 39 5.54 11.66 -0.49
N VAL B 40 4.76 10.58 -0.67
CA VAL B 40 3.41 10.78 -1.20
C VAL B 40 2.53 11.51 -0.20
N LEU B 41 2.75 11.31 1.10
CA LEU B 41 1.96 12.02 2.10
C LEU B 41 2.21 13.52 2.03
N ILE B 42 3.48 13.93 2.02
CA ILE B 42 3.74 15.36 1.99
C ILE B 42 3.37 15.97 0.65
N VAL B 43 3.48 15.21 -0.44
CA VAL B 43 3.05 15.72 -1.74
C VAL B 43 1.54 15.95 -1.75
N GLY B 44 0.77 15.00 -1.24
CA GLY B 44 -0.66 15.15 -1.19
C GLY B 44 -1.09 16.30 -0.29
N LEU B 45 -0.45 16.45 0.86
CA LEU B 45 -0.80 17.55 1.75
C LEU B 45 -0.43 18.90 1.14
N SER B 46 0.71 18.97 0.43
CA SER B 46 1.09 20.21 -0.23
C SER B 46 0.09 20.57 -1.33
N ALA B 47 -0.36 19.58 -2.11
CA ALA B 47 -1.35 19.84 -3.14
C ALA B 47 -2.68 20.29 -2.52
N MET B 48 -3.08 19.66 -1.42
CA MET B 48 -4.31 20.06 -0.75
C MET B 48 -4.23 21.50 -0.24
N ASN B 49 -3.09 21.87 0.34
CA ASN B 49 -2.92 23.25 0.80
C ASN B 49 -2.92 24.23 -0.38
N GLY B 50 -2.27 23.86 -1.48
CA GLY B 50 -2.25 24.73 -2.64
C GLY B 50 -3.62 24.94 -3.24
N PHE B 51 -4.46 23.89 -3.23
CA PHE B 51 -5.83 24.05 -3.71
C PHE B 51 -6.66 24.87 -2.73
N GLU B 52 -6.47 24.65 -1.43
CA GLU B 52 -7.24 25.38 -0.43
C GLU B 52 -6.93 26.88 -0.47
N ARG B 53 -5.70 27.24 -0.80
CA ARG B 53 -5.38 28.65 -0.98
C ARG B 53 -6.10 29.24 -2.18
N GLU B 54 -6.29 28.44 -3.23
CA GLU B 54 -6.93 28.94 -4.45
C GLU B 54 -8.38 29.30 -4.21
N LEU B 55 -9.10 28.49 -3.42
CA LEU B 55 -10.51 28.75 -3.16
C LEU B 55 -10.70 30.06 -2.40
N ASN B 56 -9.83 30.32 -1.41
CA ASN B 56 -9.95 31.55 -0.65
C ASN B 56 -9.65 32.78 -1.50
N ASN B 57 -8.65 32.69 -2.38
CA ASN B 57 -8.23 33.84 -3.16
C ASN B 57 -9.21 34.15 -4.28
N ARG B 58 -9.70 33.13 -4.98
CA ARG B 58 -10.44 33.33 -6.21
C ARG B 58 -11.96 33.33 -6.05
N ILE B 59 -12.48 32.80 -4.96
CA ILE B 59 -13.94 32.68 -4.82
C ILE B 59 -14.42 33.52 -3.65
N LEU B 60 -13.84 33.30 -2.46
CA LEU B 60 -14.34 33.96 -1.27
C LEU B 60 -14.00 35.45 -1.26
N ALA B 61 -12.81 35.81 -1.73
CA ALA B 61 -12.43 37.22 -1.76
C ALA B 61 -13.18 37.99 -2.83
N VAL B 62 -13.61 37.30 -3.89
CA VAL B 62 -14.24 37.99 -5.02
C VAL B 62 -15.63 38.49 -4.62
N VAL B 63 -16.41 37.65 -3.95
CA VAL B 63 -17.80 37.99 -3.64
C VAL B 63 -17.91 38.51 -2.21
N PRO B 64 -18.77 39.48 -1.95
CA PRO B 64 -19.00 39.93 -0.57
C PRO B 64 -19.95 39.01 0.17
N HIS B 65 -19.96 39.16 1.49
CA HIS B 65 -20.76 38.33 2.37
C HIS B 65 -21.74 39.21 3.15
N GLY B 66 -23.01 38.79 3.17
CA GLY B 66 -24.01 39.42 4.01
C GLY B 66 -24.52 40.73 3.45
N GLU B 67 -25.70 41.12 3.93
CA GLU B 67 -26.29 42.40 3.54
C GLU B 67 -27.28 42.81 4.62
N ILE B 68 -27.67 44.08 4.57
CA ILE B 68 -28.81 44.61 5.31
C ILE B 68 -29.47 45.65 4.41
N GLU B 69 -30.72 45.42 4.03
CA GLU B 69 -31.40 46.30 3.09
C GLU B 69 -32.23 47.34 3.81
N ALA B 70 -32.59 48.39 3.09
CA ALA B 70 -33.32 49.51 3.66
C ALA B 70 -34.82 49.26 3.55
N VAL B 71 -35.61 50.29 3.83
CA VAL B 71 -37.07 50.21 3.80
C VAL B 71 -37.52 51.15 2.69
N ASP B 72 -36.71 51.25 1.63
CA ASP B 72 -36.86 52.16 0.50
C ASP B 72 -37.28 53.56 0.92
N GLN B 73 -36.68 54.06 1.98
CA GLN B 73 -36.93 55.39 2.52
C GLN B 73 -35.58 56.02 2.85
N PRO B 74 -35.52 57.36 2.95
CA PRO B 74 -34.27 57.99 3.38
C PRO B 74 -33.81 57.51 4.75
N TRP B 75 -32.68 56.81 4.77
CA TRP B 75 -32.11 56.22 5.97
C TRP B 75 -30.64 56.63 6.03
N THR B 76 -30.35 57.70 6.78
CA THR B 76 -29.00 58.19 6.94
C THR B 76 -28.34 57.72 8.23
N ASN B 77 -29.13 57.23 9.19
CA ASN B 77 -28.60 56.79 10.49
C ASN B 77 -28.00 55.38 10.34
N TRP B 78 -26.87 55.34 9.64
CA TRP B 78 -26.12 54.11 9.45
C TRP B 78 -24.65 54.26 9.83
N GLN B 79 -24.25 55.39 10.41
CA GLN B 79 -22.86 55.59 10.80
C GLN B 79 -22.45 54.71 11.96
N GLU B 80 -23.41 54.16 12.70
CA GLU B 80 -23.12 53.24 13.80
C GLU B 80 -22.96 51.81 13.32
N ALA B 81 -23.23 51.54 12.04
CA ALA B 81 -23.10 50.17 11.52
C ALA B 81 -21.67 49.68 11.61
N LEU B 82 -20.69 50.54 11.30
CA LEU B 82 -19.29 50.16 11.44
C LEU B 82 -18.91 49.95 12.90
N ASP B 83 -19.66 50.53 13.83
CA ASP B 83 -19.48 50.25 15.24
C ASP B 83 -20.33 49.08 15.72
N HIS B 84 -21.34 48.68 14.94
CA HIS B 84 -22.20 47.56 15.29
C HIS B 84 -21.87 46.30 14.50
N VAL B 85 -20.72 46.26 13.83
CA VAL B 85 -20.27 45.02 13.20
C VAL B 85 -19.20 44.32 14.02
N GLN B 86 -18.63 44.98 15.03
CA GLN B 86 -17.62 44.38 15.89
C GLN B 86 -18.21 43.70 17.11
N LYS B 87 -19.54 43.71 17.26
CA LYS B 87 -20.16 43.00 18.38
C LYS B 87 -19.90 41.50 18.29
N VAL B 88 -19.98 40.95 17.09
CA VAL B 88 -19.62 39.55 16.85
C VAL B 88 -18.17 39.49 16.39
N PRO B 89 -17.30 38.75 17.06
CA PRO B 89 -15.91 38.65 16.61
C PRO B 89 -15.80 37.89 15.30
N GLY B 90 -14.74 38.20 14.55
CA GLY B 90 -14.49 37.59 13.26
C GLY B 90 -14.81 38.46 12.07
N ILE B 91 -15.58 39.52 12.26
CA ILE B 91 -15.92 40.45 11.18
C ILE B 91 -14.70 41.31 10.93
N ALA B 92 -13.94 40.98 9.88
CA ALA B 92 -12.70 41.70 9.60
C ALA B 92 -12.97 43.16 9.22
N ALA B 93 -13.99 43.40 8.41
CA ALA B 93 -14.27 44.75 7.94
C ALA B 93 -15.72 44.84 7.50
N ALA B 94 -16.18 46.07 7.27
CA ALA B 94 -17.51 46.33 6.77
C ALA B 94 -17.50 47.63 6.00
N ALA B 95 -18.47 47.78 5.10
CA ALA B 95 -18.57 49.01 4.30
C ALA B 95 -19.98 49.16 3.73
N PRO B 96 -20.64 50.29 4.00
CA PRO B 96 -21.93 50.55 3.36
C PRO B 96 -21.80 50.64 1.84
N TYR B 97 -22.82 50.18 1.14
CA TYR B 97 -22.78 50.16 -0.32
C TYR B 97 -24.17 50.32 -0.89
N ILE B 98 -24.22 50.75 -2.16
CA ILE B 98 -25.46 50.93 -2.90
C ILE B 98 -25.32 50.21 -4.24
N ASN B 99 -26.44 49.70 -4.74
CA ASN B 99 -26.45 48.93 -5.98
C ASN B 99 -27.61 49.37 -6.85
N PHE B 100 -27.39 49.37 -8.16
CA PHE B 100 -28.48 49.54 -9.14
C PHE B 100 -27.98 49.02 -10.49
N THR B 101 -28.75 49.29 -11.55
CA THR B 101 -28.42 48.79 -12.88
C THR B 101 -28.52 49.93 -13.89
N GLY B 102 -27.76 49.80 -14.98
CA GLY B 102 -27.76 50.81 -16.00
C GLY B 102 -27.19 50.31 -17.31
N LEU B 103 -27.05 51.23 -18.26
CA LEU B 103 -26.55 50.94 -19.60
C LEU B 103 -25.33 51.81 -19.87
N VAL B 104 -24.38 51.28 -20.63
CA VAL B 104 -23.17 51.99 -21.01
C VAL B 104 -23.12 52.06 -22.53
N GLU B 105 -22.96 53.27 -23.07
CA GLU B 105 -22.99 53.52 -24.49
C GLU B 105 -21.61 53.98 -24.98
N SER B 106 -21.07 53.28 -25.98
CA SER B 106 -19.82 53.70 -26.61
C SER B 106 -19.80 53.11 -28.02
N GLY B 107 -20.08 53.96 -29.02
CA GLY B 107 -20.08 53.53 -30.39
C GLY B 107 -21.13 52.50 -30.73
N ALA B 108 -22.37 52.74 -30.28
CA ALA B 108 -23.51 51.86 -30.52
C ALA B 108 -23.23 50.44 -30.00
N ASN B 109 -22.76 50.36 -28.76
CA ASN B 109 -22.41 49.10 -28.11
C ASN B 109 -23.00 49.06 -26.71
N LEU B 110 -24.29 49.37 -26.59
CA LEU B 110 -24.97 49.38 -25.30
C LEU B 110 -24.94 47.99 -24.66
N ARG B 111 -24.61 47.96 -23.38
CA ARG B 111 -24.56 46.71 -22.62
C ARG B 111 -25.12 46.93 -21.23
N ALA B 112 -25.89 45.96 -20.74
CA ALA B 112 -26.45 46.04 -19.40
C ALA B 112 -25.35 45.81 -18.37
N ILE B 113 -25.23 46.74 -17.42
CA ILE B 113 -24.21 46.65 -16.38
C ILE B 113 -24.85 46.94 -15.03
N GLN B 114 -24.69 46.03 -14.08
CA GLN B 114 -25.02 46.34 -12.70
C GLN B 114 -23.86 47.13 -12.09
N VAL B 115 -24.20 48.16 -11.32
CA VAL B 115 -23.23 49.11 -10.79
C VAL B 115 -23.37 49.12 -9.27
N LYS B 116 -22.24 48.97 -8.58
CA LYS B 116 -22.18 48.96 -7.13
C LYS B 116 -21.46 50.21 -6.65
N GLY B 117 -22.07 50.92 -5.69
CA GLY B 117 -21.46 52.08 -5.09
C GLY B 117 -20.72 51.75 -3.81
N VAL B 118 -19.47 52.17 -3.71
CA VAL B 118 -18.61 51.75 -2.59
C VAL B 118 -18.24 52.94 -1.73
N ASN B 119 -17.81 52.64 -0.51
CA ASN B 119 -17.37 53.66 0.42
C ASN B 119 -16.10 54.33 -0.09
N PRO B 120 -15.93 55.63 0.15
CA PRO B 120 -14.69 56.30 -0.29
C PRO B 120 -13.41 55.73 0.30
N GLN B 121 -13.42 55.30 1.56
CA GLN B 121 -12.19 54.87 2.22
C GLN B 121 -12.13 53.38 2.51
N GLN B 122 -13.26 52.69 2.58
CA GLN B 122 -13.31 51.28 2.93
C GLN B 122 -13.53 50.39 1.72
N GLU B 123 -13.22 50.87 0.52
CA GLU B 123 -13.43 50.05 -0.67
C GLU B 123 -12.40 48.94 -0.79
N GLN B 124 -11.21 49.11 -0.20
CA GLN B 124 -10.16 48.12 -0.28
C GLN B 124 -9.95 47.34 1.02
N ARG B 125 -10.34 47.90 2.17
CA ARG B 125 -10.25 47.17 3.42
C ARG B 125 -11.37 46.15 3.56
N LEU B 126 -12.55 46.46 3.02
CA LEU B 126 -13.69 45.53 3.12
C LEU B 126 -13.41 44.25 2.36
N SER B 127 -12.87 44.36 1.15
CA SER B 127 -12.61 43.19 0.32
C SER B 127 -11.37 43.44 -0.53
N ALA B 128 -10.77 42.35 -0.98
CA ALA B 128 -9.57 42.39 -1.81
C ALA B 128 -9.88 42.46 -3.30
N LEU B 129 -11.15 42.59 -3.67
CA LEU B 129 -11.49 42.66 -5.10
C LEU B 129 -10.96 43.93 -5.75
N PRO B 130 -11.40 45.17 -5.34
CA PRO B 130 -10.93 46.39 -6.02
C PRO B 130 -9.66 46.96 -5.39
N SER B 131 -8.68 46.09 -5.13
CA SER B 131 -7.48 46.50 -4.40
C SER B 131 -6.23 46.41 -5.25
N PHE B 132 -5.93 45.25 -5.83
CA PHE B 132 -4.70 45.02 -6.58
C PHE B 132 -5.02 44.40 -7.93
N VAL B 133 -5.98 44.99 -8.63
CA VAL B 133 -6.36 44.48 -9.95
C VAL B 133 -5.31 44.87 -10.99
N GLN B 134 -5.08 46.16 -11.18
CA GLN B 134 -4.03 46.62 -12.09
C GLN B 134 -3.27 47.83 -11.59
N GLY B 135 -3.54 48.32 -10.38
CA GLY B 135 -2.94 49.58 -9.95
C GLY B 135 -3.45 50.76 -10.75
N ASP B 136 -4.76 50.80 -11.00
CA ASP B 136 -5.35 51.79 -11.89
C ASP B 136 -5.51 53.12 -11.17
N ALA B 137 -6.18 54.07 -11.81
CA ALA B 137 -6.42 55.39 -11.24
C ALA B 137 -7.64 55.37 -10.32
N TRP B 138 -7.50 54.61 -9.24
CA TRP B 138 -8.53 54.47 -8.22
C TRP B 138 -8.08 55.16 -6.94
N ARG B 139 -8.99 55.18 -5.95
CA ARG B 139 -8.75 55.78 -4.64
C ARG B 139 -8.49 57.29 -4.74
N ASN B 140 -8.83 57.90 -5.88
CA ASN B 140 -8.63 59.33 -6.09
C ASN B 140 -9.82 59.92 -6.85
N PHE B 141 -11.00 59.33 -6.68
CA PHE B 141 -12.17 59.75 -7.45
C PHE B 141 -12.69 61.10 -6.99
N LYS B 142 -12.84 61.29 -5.67
CA LYS B 142 -13.53 62.42 -5.04
C LYS B 142 -15.01 62.50 -5.46
N ALA B 143 -15.76 63.40 -4.82
CA ALA B 143 -17.16 63.60 -5.19
C ALA B 143 -17.28 64.11 -6.62
N GLY B 144 -16.43 65.06 -7.00
CA GLY B 144 -16.29 65.46 -8.39
C GLY B 144 -15.45 64.44 -9.14
N GLU B 145 -15.15 64.77 -10.40
CA GLU B 145 -14.42 63.90 -11.30
C GLU B 145 -15.14 62.54 -11.37
N GLN B 146 -16.26 62.54 -12.07
CA GLN B 146 -17.14 61.38 -12.10
C GLN B 146 -16.64 60.27 -13.02
N GLN B 147 -15.51 60.47 -13.71
CA GLN B 147 -14.87 59.38 -14.43
C GLN B 147 -14.54 58.26 -13.47
N ILE B 148 -14.87 57.02 -13.85
CA ILE B 148 -14.83 55.90 -12.92
C ILE B 148 -14.43 54.63 -13.65
N ILE B 149 -14.10 53.61 -12.87
CA ILE B 149 -13.42 52.40 -13.32
C ILE B 149 -14.44 51.33 -13.69
N ILE B 150 -14.10 50.52 -14.70
CA ILE B 150 -14.87 49.35 -15.10
C ILE B 150 -13.88 48.24 -15.42
N GLY B 151 -14.36 47.00 -15.43
CA GLY B 151 -13.51 45.87 -15.76
C GLY B 151 -13.09 45.87 -17.23
N LYS B 152 -11.99 45.17 -17.50
CA LYS B 152 -11.48 45.09 -18.87
C LYS B 152 -12.40 44.26 -19.76
N GLY B 153 -13.01 43.21 -19.20
CA GLY B 153 -13.81 42.30 -20.00
C GLY B 153 -15.09 42.90 -20.53
N VAL B 154 -15.50 44.07 -20.03
CA VAL B 154 -16.71 44.70 -20.54
C VAL B 154 -16.48 45.32 -21.91
N ALA B 155 -15.22 45.48 -22.32
CA ALA B 155 -14.88 46.15 -23.57
C ALA B 155 -14.77 45.14 -24.72
N ASP B 156 -15.85 44.39 -24.92
CA ASP B 156 -15.89 43.42 -26.02
C ASP B 156 -16.18 44.12 -27.34
N ALA B 157 -17.36 44.71 -27.47
CA ALA B 157 -17.68 45.54 -28.62
C ALA B 157 -17.34 47.01 -28.40
N LEU B 158 -16.94 47.37 -27.19
CA LEU B 158 -16.59 48.75 -26.85
C LEU B 158 -15.07 48.90 -26.91
N LYS B 159 -14.62 49.95 -27.59
CA LYS B 159 -13.20 50.25 -27.72
C LYS B 159 -12.93 51.54 -26.96
N VAL B 160 -12.48 51.41 -25.71
CA VAL B 160 -12.26 52.53 -24.83
C VAL B 160 -10.94 52.33 -24.07
N LYS B 161 -10.54 53.36 -23.35
CA LYS B 161 -9.36 53.30 -22.49
C LYS B 161 -9.59 54.24 -21.31
N GLN B 162 -8.53 54.59 -20.60
CA GLN B 162 -8.64 55.23 -19.28
C GLN B 162 -9.32 56.59 -19.32
N GLY B 163 -9.43 57.23 -20.48
CA GLY B 163 -10.01 58.56 -20.53
C GLY B 163 -11.21 58.74 -21.43
N ASP B 164 -11.65 57.68 -22.10
CA ASP B 164 -12.78 57.78 -23.01
C ASP B 164 -14.07 58.04 -22.25
N TRP B 165 -15.01 58.69 -22.94
CA TRP B 165 -16.30 59.06 -22.36
C TRP B 165 -17.39 58.12 -22.83
N VAL B 166 -18.30 57.78 -21.90
CA VAL B 166 -19.42 56.89 -22.18
C VAL B 166 -20.68 57.48 -21.57
N SER B 167 -21.82 56.91 -21.91
CA SER B 167 -23.11 57.34 -21.41
C SER B 167 -23.60 56.38 -20.32
N ILE B 168 -24.54 56.87 -19.52
CA ILE B 168 -25.09 56.12 -18.39
C ILE B 168 -26.60 56.31 -18.37
N MET B 169 -27.34 55.22 -18.16
CA MET B 169 -28.79 55.24 -18.06
C MET B 169 -29.15 54.86 -16.63
N ILE B 170 -30.05 55.63 -16.03
CA ILE B 170 -30.46 55.41 -14.65
C ILE B 170 -31.98 55.35 -14.55
N PRO B 171 -32.54 54.59 -13.61
CA PRO B 171 -33.99 54.62 -13.41
C PRO B 171 -34.39 55.68 -12.38
N ASN B 172 -35.70 55.82 -12.14
CA ASN B 172 -36.17 56.82 -11.20
C ASN B 172 -35.93 56.40 -9.75
N SER B 173 -36.41 55.20 -9.38
CA SER B 173 -36.28 54.66 -8.02
C SER B 173 -36.83 55.61 -6.97
N ASN B 174 -38.00 56.18 -7.25
CA ASN B 174 -38.65 57.06 -6.28
C ASN B 174 -39.17 56.24 -5.10
N PRO B 175 -39.17 56.83 -3.89
CA PRO B 175 -39.67 56.10 -2.71
C PRO B 175 -41.20 56.04 -2.68
N GLU B 176 -41.77 55.21 -3.55
CA GLU B 176 -43.21 55.02 -3.62
C GLU B 176 -43.49 53.53 -3.77
N HIS B 177 -44.74 53.20 -4.07
CA HIS B 177 -45.15 51.80 -4.15
C HIS B 177 -44.54 51.09 -5.35
N LYS B 178 -44.59 51.73 -6.52
CA LYS B 178 -44.17 51.10 -7.77
C LYS B 178 -43.14 51.98 -8.47
N LEU B 179 -42.67 51.50 -9.62
CA LEU B 179 -41.64 52.18 -10.39
C LEU B 179 -42.25 52.92 -11.58
N MET B 180 -41.53 53.94 -12.02
CA MET B 180 -41.93 54.80 -13.14
C MET B 180 -40.91 54.65 -14.27
N GLN B 181 -41.03 55.54 -15.27
CA GLN B 181 -40.09 55.55 -16.38
C GLN B 181 -38.70 55.95 -15.91
N PRO B 182 -37.65 55.40 -16.53
CA PRO B 182 -36.29 55.75 -16.11
C PRO B 182 -35.94 57.20 -16.43
N LYS B 183 -35.05 57.76 -15.60
CA LYS B 183 -34.63 59.14 -15.78
C LYS B 183 -33.65 59.31 -16.94
N ARG B 184 -32.80 58.31 -17.18
CA ARG B 184 -31.82 58.31 -18.26
C ARG B 184 -30.89 59.52 -18.18
N VAL B 185 -30.44 59.85 -16.97
CA VAL B 185 -29.52 60.95 -16.77
C VAL B 185 -28.11 60.47 -17.09
N ARG B 186 -27.46 61.12 -18.04
CA ARG B 186 -26.13 60.71 -18.49
C ARG B 186 -25.06 61.18 -17.50
N LEU B 187 -23.85 60.66 -17.68
CA LEU B 187 -22.75 61.00 -16.80
C LEU B 187 -21.43 60.73 -17.54
N HIS B 188 -20.36 61.33 -17.01
CA HIS B 188 -19.01 61.10 -17.51
C HIS B 188 -18.38 59.94 -16.75
N VAL B 189 -17.82 58.99 -17.48
CA VAL B 189 -17.16 57.83 -16.88
C VAL B 189 -15.92 57.50 -17.71
N ALA B 190 -14.79 57.32 -17.03
CA ALA B 190 -13.54 56.99 -17.70
C ALA B 190 -12.63 56.24 -16.73
N GLY B 191 -11.97 55.18 -17.23
CA GLY B 191 -11.10 54.36 -16.41
C GLY B 191 -11.45 52.89 -16.51
N ILE B 192 -10.45 52.02 -16.68
CA ILE B 192 -10.67 50.60 -16.89
C ILE B 192 -9.69 49.80 -16.03
N LEU B 193 -10.21 48.78 -15.34
CA LEU B 193 -9.42 47.84 -14.56
C LEU B 193 -9.50 46.46 -15.21
N GLN B 194 -8.69 45.53 -14.71
CA GLN B 194 -8.77 44.13 -15.11
C GLN B 194 -8.63 43.23 -13.89
N LEU B 195 -9.59 42.33 -13.69
CA LEU B 195 -9.51 41.36 -12.61
C LEU B 195 -9.52 39.92 -13.12
N SER B 196 -10.52 39.54 -13.90
CA SER B 196 -10.69 38.17 -14.35
C SER B 196 -11.63 38.18 -15.55
N GLY B 197 -12.11 36.99 -15.95
CA GLY B 197 -12.97 36.87 -17.10
C GLY B 197 -14.41 36.51 -16.79
N GLN B 198 -14.69 36.12 -15.55
CA GLN B 198 -16.03 35.69 -15.18
C GLN B 198 -16.87 36.82 -14.61
N LEU B 199 -16.44 37.42 -13.50
CA LEU B 199 -17.18 38.52 -12.91
C LEU B 199 -16.98 39.81 -13.70
N ASP B 200 -15.76 40.04 -14.18
CA ASP B 200 -15.45 41.25 -14.95
C ASP B 200 -15.95 41.11 -16.40
N HIS B 201 -17.26 40.93 -16.52
CA HIS B 201 -17.93 40.82 -17.81
C HIS B 201 -18.91 41.96 -18.05
N SER B 202 -19.81 42.22 -17.10
CA SER B 202 -20.77 43.31 -17.19
C SER B 202 -20.90 44.01 -15.84
N PHE B 203 -19.78 44.24 -15.17
CA PHE B 203 -19.77 44.81 -13.83
C PHE B 203 -18.97 46.10 -13.81
N ALA B 204 -19.56 47.14 -13.23
CA ALA B 204 -18.89 48.43 -13.07
C ALA B 204 -18.95 48.85 -11.62
N MET B 205 -18.32 49.98 -11.34
CA MET B 205 -18.08 50.44 -9.98
C MET B 205 -18.32 51.95 -9.93
N ILE B 206 -19.03 52.40 -8.90
CA ILE B 206 -19.32 53.82 -8.73
C ILE B 206 -19.10 54.20 -7.27
N PRO B 207 -18.72 55.45 -7.01
CA PRO B 207 -18.59 55.90 -5.62
C PRO B 207 -19.93 56.04 -4.94
N LEU B 208 -19.87 55.99 -3.61
CA LEU B 208 -21.04 56.34 -2.80
C LEU B 208 -21.25 57.84 -2.75
N ALA B 209 -20.19 58.62 -2.93
CA ALA B 209 -20.30 60.08 -2.84
C ALA B 209 -21.08 60.65 -4.02
N ASP B 210 -20.76 60.21 -5.24
CA ASP B 210 -21.44 60.74 -6.42
C ASP B 210 -22.78 60.06 -6.67
N ALA B 211 -23.14 59.05 -5.87
CA ALA B 211 -24.45 58.43 -6.01
C ALA B 211 -25.55 59.20 -5.29
N GLN B 212 -25.18 60.13 -4.40
CA GLN B 212 -26.19 60.85 -3.64
C GLN B 212 -26.95 61.85 -4.53
N GLN B 213 -26.22 62.65 -5.31
CA GLN B 213 -26.88 63.60 -6.19
C GLN B 213 -27.39 62.90 -7.45
N TYR B 214 -28.21 63.64 -8.21
CA TYR B 214 -28.99 63.14 -9.34
C TYR B 214 -29.72 61.83 -9.03
N LEU B 215 -30.01 61.61 -7.74
CA LEU B 215 -30.84 60.51 -7.26
C LEU B 215 -31.88 61.09 -6.29
N ASP B 216 -32.77 60.21 -5.81
CA ASP B 216 -33.93 60.71 -5.06
C ASP B 216 -34.30 59.85 -3.86
N MET B 217 -33.33 59.20 -3.21
CA MET B 217 -33.61 58.53 -1.94
C MET B 217 -33.09 59.32 -0.74
N GLY B 218 -32.66 60.56 -0.94
CA GLY B 218 -32.20 61.38 0.16
C GLY B 218 -30.92 60.90 0.82
N SER B 219 -29.93 60.52 0.02
CA SER B 219 -28.61 60.08 0.50
C SER B 219 -28.75 58.89 1.46
N SER B 220 -29.59 57.94 1.07
CA SER B 220 -29.81 56.72 1.85
C SER B 220 -29.01 55.57 1.24
N VAL B 221 -28.17 54.94 2.05
CA VAL B 221 -27.41 53.78 1.62
C VAL B 221 -28.23 52.54 1.96
N SER B 222 -28.73 51.87 0.93
CA SER B 222 -29.66 50.77 1.15
C SER B 222 -28.98 49.55 1.76
N GLY B 223 -27.83 49.15 1.21
CA GLY B 223 -27.19 47.92 1.59
C GLY B 223 -26.00 48.08 2.51
N ILE B 224 -25.56 46.95 3.06
CA ILE B 224 -24.36 46.85 3.88
C ILE B 224 -23.54 45.68 3.35
N ALA B 225 -22.24 45.70 3.68
CA ALA B 225 -21.34 44.64 3.27
C ALA B 225 -20.51 44.18 4.47
N LEU B 226 -20.10 42.91 4.42
CA LEU B 226 -19.37 42.31 5.53
C LEU B 226 -18.33 41.34 5.00
N LYS B 227 -17.32 41.08 5.82
CA LYS B 227 -16.31 40.07 5.53
C LYS B 227 -15.90 39.40 6.83
N MET B 228 -15.91 38.06 6.85
CA MET B 228 -15.56 37.33 8.05
C MET B 228 -14.61 36.19 7.74
N THR B 229 -14.30 35.36 8.74
CA THR B 229 -13.40 34.23 8.59
C THR B 229 -14.15 32.92 8.34
N ASP B 230 -15.18 32.64 9.12
CA ASP B 230 -15.99 31.43 8.93
C ASP B 230 -16.91 31.62 7.73
N VAL B 231 -16.32 31.49 6.55
CA VAL B 231 -17.04 31.75 5.31
C VAL B 231 -18.16 30.75 5.11
N PHE B 232 -17.89 29.47 5.40
CA PHE B 232 -18.90 28.43 5.25
C PHE B 232 -19.87 28.36 6.42
N ASN B 233 -19.62 29.15 7.47
CA ASN B 233 -20.51 29.28 8.61
C ASN B 233 -21.16 30.67 8.63
N ALA B 234 -20.88 31.48 7.60
CA ALA B 234 -21.18 32.92 7.63
C ALA B 234 -22.67 33.22 7.77
N ASN B 235 -23.55 32.24 7.54
CA ASN B 235 -24.98 32.48 7.71
C ASN B 235 -25.32 32.88 9.15
N LYS B 236 -24.57 32.36 10.11
CA LYS B 236 -24.86 32.67 11.52
C LYS B 236 -24.46 34.09 11.87
N LEU B 237 -23.25 34.52 11.50
CA LEU B 237 -22.76 35.83 11.93
C LEU B 237 -23.47 36.97 11.19
N VAL B 238 -23.92 36.73 9.96
CA VAL B 238 -24.66 37.77 9.24
C VAL B 238 -25.97 38.08 9.96
N ARG B 239 -26.68 37.05 10.40
CA ARG B 239 -27.89 37.26 11.17
C ARG B 239 -27.57 37.86 12.55
N ASP B 240 -26.47 37.40 13.17
CA ASP B 240 -26.13 37.86 14.51
C ASP B 240 -25.79 39.34 14.53
N ALA B 241 -25.05 39.81 13.52
CA ALA B 241 -24.69 41.22 13.45
C ALA B 241 -25.84 42.10 13.00
N GLY B 242 -26.94 41.50 12.53
CA GLY B 242 -28.09 42.27 12.09
C GLY B 242 -29.15 42.39 13.16
N GLU B 243 -28.78 42.18 14.43
CA GLU B 243 -29.73 42.29 15.52
C GLU B 243 -30.24 43.71 15.67
N VAL B 244 -29.35 44.70 15.56
CA VAL B 244 -29.76 46.10 15.55
C VAL B 244 -29.81 46.56 14.09
N THR B 245 -30.99 47.02 13.68
CA THR B 245 -31.25 47.34 12.27
C THR B 245 -32.55 48.14 12.21
N ASN B 246 -33.04 48.35 10.99
CA ASN B 246 -34.30 49.05 10.76
C ASN B 246 -35.46 48.06 10.93
N SER B 247 -36.65 48.49 10.51
CA SER B 247 -37.83 47.62 10.62
C SER B 247 -37.70 46.39 9.74
N TYR B 248 -37.20 46.56 8.52
CA TYR B 248 -37.06 45.47 7.56
C TYR B 248 -35.59 45.13 7.40
N VAL B 249 -35.24 43.87 7.65
CA VAL B 249 -33.87 43.39 7.54
C VAL B 249 -33.89 42.04 6.84
N TYR B 250 -32.98 41.87 5.88
CA TYR B 250 -32.79 40.60 5.20
C TYR B 250 -31.45 40.02 5.63
N ILE B 251 -31.41 38.73 5.89
CA ILE B 251 -30.25 38.09 6.49
C ILE B 251 -29.58 37.11 5.51
N LYS B 252 -29.76 37.31 4.21
CA LYS B 252 -29.08 36.46 3.24
C LYS B 252 -27.61 36.84 3.16
N SER B 253 -26.79 35.89 2.74
CA SER B 253 -25.35 36.08 2.65
C SER B 253 -24.87 35.43 1.37
N TRP B 254 -23.55 35.24 1.27
CA TRP B 254 -23.00 34.53 0.12
C TRP B 254 -23.50 33.11 0.05
N ILE B 255 -23.79 32.49 1.20
CA ILE B 255 -24.38 31.15 1.20
C ILE B 255 -25.81 31.20 0.69
N GLY B 256 -26.58 32.18 1.15
CA GLY B 256 -27.96 32.29 0.68
C GLY B 256 -28.06 32.67 -0.78
N THR B 257 -27.24 33.62 -1.23
CA THR B 257 -27.33 34.09 -2.61
C THR B 257 -26.71 33.10 -3.59
N TYR B 258 -25.71 32.35 -3.16
CA TYR B 258 -24.95 31.44 -4.03
C TYR B 258 -24.96 30.03 -3.45
N GLY B 259 -26.17 29.55 -3.11
CA GLY B 259 -26.29 28.25 -2.46
C GLY B 259 -25.75 27.11 -3.30
N TYR B 260 -25.98 27.15 -4.61
CA TYR B 260 -25.51 26.07 -5.47
C TYR B 260 -23.99 26.07 -5.58
N MET B 261 -23.38 27.25 -5.70
CA MET B 261 -21.92 27.32 -5.74
C MET B 261 -21.31 26.86 -4.41
N TYR B 262 -21.92 27.25 -3.29
CA TYR B 262 -21.44 26.81 -1.99
C TYR B 262 -21.59 25.30 -1.84
N ARG B 263 -22.69 24.73 -2.32
CA ARG B 263 -22.88 23.29 -2.27
C ARG B 263 -21.82 22.57 -3.11
N ASP B 264 -21.52 23.09 -4.30
CA ASP B 264 -20.49 22.48 -5.14
C ASP B 264 -19.12 22.57 -4.49
N ILE B 265 -18.81 23.71 -3.86
CA ILE B 265 -17.54 23.86 -3.17
C ILE B 265 -17.42 22.86 -2.01
N GLN B 266 -18.50 22.71 -1.25
CA GLN B 266 -18.48 21.76 -0.14
C GLN B 266 -18.32 20.34 -0.63
N MET B 267 -18.98 19.99 -1.73
CA MET B 267 -18.83 18.65 -2.30
C MET B 267 -17.40 18.42 -2.78
N ILE B 268 -16.79 19.42 -3.40
CA ILE B 268 -15.40 19.30 -3.85
C ILE B 268 -14.47 19.08 -2.66
N ARG B 269 -14.66 19.86 -1.60
CA ARG B 269 -13.82 19.70 -0.41
C ARG B 269 -14.01 18.33 0.23
N ALA B 270 -15.25 17.84 0.29
CA ALA B 270 -15.49 16.52 0.86
C ALA B 270 -14.83 15.43 0.03
N ILE B 271 -14.90 15.54 -1.30
CA ILE B 271 -14.27 14.54 -2.15
C ILE B 271 -12.76 14.55 -1.99
N MET B 272 -12.16 15.74 -1.93
CA MET B 272 -10.72 15.82 -1.75
C MET B 272 -10.29 15.27 -0.40
N TYR B 273 -11.06 15.54 0.66
CA TYR B 273 -10.72 15.00 1.96
C TYR B 273 -10.87 13.48 2.00
N LEU B 274 -11.89 12.95 1.31
CA LEU B 274 -12.03 11.50 1.21
C LEU B 274 -10.85 10.87 0.48
N ALA B 275 -10.42 11.50 -0.62
CA ALA B 275 -9.27 10.98 -1.35
C ALA B 275 -8.00 11.05 -0.51
N MET B 276 -7.84 12.13 0.27
CA MET B 276 -6.67 12.23 1.15
C MET B 276 -6.69 11.16 2.23
N VAL B 277 -7.87 10.88 2.79
CA VAL B 277 -8.00 9.81 3.78
C VAL B 277 -7.64 8.46 3.15
N LEU B 278 -8.08 8.24 1.91
CA LEU B 278 -7.71 7.01 1.20
C LEU B 278 -6.20 6.91 1.01
N VAL B 279 -5.55 8.01 0.62
CA VAL B 279 -4.10 8.00 0.44
C VAL B 279 -3.40 7.70 1.76
N ILE B 280 -3.89 8.29 2.86
CA ILE B 280 -3.29 8.05 4.17
C ILE B 280 -3.44 6.58 4.54
N GLY B 281 -4.62 6.00 4.30
CA GLY B 281 -4.82 4.60 4.63
C GLY B 281 -3.95 3.66 3.81
N VAL B 282 -3.83 3.92 2.51
CA VAL B 282 -3.03 3.05 1.65
C VAL B 282 -1.55 3.22 1.94
N ALA B 283 -1.09 4.47 2.06
CA ALA B 283 0.34 4.72 2.25
C ALA B 283 0.83 4.37 3.65
N CYS B 284 -0.06 4.06 4.59
CA CYS B 284 0.36 3.57 5.89
C CYS B 284 0.34 2.06 5.99
N PHE B 285 -0.34 1.37 5.07
CA PHE B 285 -0.36 -0.09 5.13
C PHE B 285 0.95 -0.69 4.66
N ASN B 286 1.56 -0.11 3.62
CA ASN B 286 2.82 -0.65 3.14
C ASN B 286 3.98 -0.38 4.09
N ILE B 287 3.78 0.47 5.09
CA ILE B 287 4.79 0.68 6.13
C ILE B 287 4.69 -0.40 7.19
N VAL B 288 3.49 -0.65 7.70
CA VAL B 288 3.31 -1.63 8.76
C VAL B 288 3.51 -3.05 8.23
N SER B 289 3.02 -3.33 7.03
CA SER B 289 3.06 -4.69 6.51
C SER B 289 4.49 -5.18 6.26
N THR B 290 5.33 -4.31 5.70
CA THR B 290 6.70 -4.72 5.38
C THR B 290 7.51 -4.96 6.65
N LEU B 291 7.30 -4.15 7.69
CA LEU B 291 8.04 -4.34 8.92
C LEU B 291 7.55 -5.54 9.72
N VAL B 292 6.32 -6.00 9.48
CA VAL B 292 5.83 -7.19 10.17
C VAL B 292 6.54 -8.44 9.65
N MET B 293 6.76 -8.52 8.34
CA MET B 293 7.39 -9.70 7.76
C MET B 293 8.83 -9.88 8.24
N ALA B 294 9.54 -8.77 8.47
CA ALA B 294 10.90 -8.87 8.97
C ALA B 294 10.95 -9.50 10.35
N VAL B 295 10.06 -9.07 11.25
CA VAL B 295 10.03 -9.63 12.59
C VAL B 295 9.54 -11.07 12.55
N LYS B 296 8.60 -11.38 11.67
CA LYS B 296 8.14 -12.76 11.54
C LYS B 296 9.27 -13.66 11.05
N ASP B 297 10.13 -13.14 10.17
CA ASP B 297 11.32 -13.88 9.78
C ASP B 297 12.28 -14.07 10.95
N LYS B 298 12.48 -13.02 11.75
CA LYS B 298 13.42 -13.07 12.87
C LYS B 298 12.86 -13.78 14.10
N SER B 299 11.63 -14.29 14.02
CA SER B 299 11.04 -15.04 15.14
C SER B 299 11.91 -16.20 15.61
N GLY B 300 12.59 -16.88 14.68
CA GLY B 300 13.45 -17.99 15.08
C GLY B 300 14.63 -17.55 15.92
N ASP B 301 15.27 -16.45 15.52
CA ASP B 301 16.35 -15.89 16.32
C ASP B 301 15.84 -15.34 17.65
N ILE B 302 14.60 -14.84 17.67
CA ILE B 302 13.98 -14.45 18.94
C ILE B 302 13.87 -15.65 19.87
N ALA B 303 13.46 -16.80 19.32
CA ALA B 303 13.36 -18.01 20.12
C ALA B 303 14.73 -18.46 20.63
N VAL B 304 15.74 -18.39 19.77
CA VAL B 304 17.10 -18.77 20.19
C VAL B 304 17.59 -17.85 21.30
N LEU B 305 17.33 -16.55 21.18
CA LEU B 305 17.73 -15.61 22.23
C LEU B 305 16.99 -15.88 23.52
N ARG B 306 15.70 -16.19 23.44
CA ARG B 306 14.94 -16.52 24.65
C ARG B 306 15.44 -17.80 25.29
N THR B 307 15.96 -18.74 24.49
CA THR B 307 16.54 -19.96 25.06
C THR B 307 17.75 -19.65 25.92
N LEU B 308 18.61 -18.72 25.47
CA LEU B 308 19.80 -18.36 26.22
C LEU B 308 19.52 -17.50 27.43
N GLY B 309 18.29 -17.04 27.61
CA GLY B 309 17.95 -16.26 28.78
C GLY B 309 17.95 -14.76 28.53
N ALA B 310 17.35 -14.34 27.42
CA ALA B 310 17.22 -12.92 27.10
C ALA B 310 15.87 -12.42 27.58
N LYS B 311 15.88 -11.41 28.44
CA LYS B 311 14.65 -10.88 28.98
C LYS B 311 13.85 -10.16 27.89
N ASP B 312 12.54 -10.02 28.14
CA ASP B 312 11.67 -9.38 27.17
C ASP B 312 12.04 -7.93 26.92
N GLY B 313 12.61 -7.26 27.93
CA GLY B 313 13.07 -5.90 27.73
C GLY B 313 14.17 -5.81 26.70
N LEU B 314 15.06 -6.80 26.68
CA LEU B 314 16.13 -6.82 25.68
C LEU B 314 15.56 -6.96 24.28
N ILE B 315 14.57 -7.84 24.09
CA ILE B 315 13.97 -8.01 22.78
C ILE B 315 13.22 -6.76 22.36
N ARG B 316 12.51 -6.12 23.29
CA ARG B 316 11.84 -4.87 22.99
C ARG B 316 12.83 -3.81 22.54
N ALA B 317 13.96 -3.69 23.24
CA ALA B 317 15.00 -2.74 22.84
C ALA B 317 15.56 -3.08 21.47
N ILE B 318 15.82 -4.37 21.22
CA ILE B 318 16.37 -4.79 19.94
C ILE B 318 15.45 -4.38 18.80
N PHE B 319 14.16 -4.59 18.97
CA PHE B 319 13.28 -4.33 17.85
C PHE B 319 12.82 -2.89 17.74
N VAL B 320 12.85 -2.11 18.82
CA VAL B 320 12.65 -0.67 18.64
C VAL B 320 13.88 -0.07 17.94
N TRP B 321 15.08 -0.58 18.23
CA TRP B 321 16.26 -0.14 17.49
C TRP B 321 16.17 -0.54 16.03
N TYR B 322 15.66 -1.75 15.76
CA TYR B 322 15.47 -2.20 14.38
C TYR B 322 14.48 -1.30 13.64
N GLY B 323 13.37 -0.96 14.29
CA GLY B 323 12.40 -0.08 13.66
C GLY B 323 12.93 1.32 13.44
N LEU B 324 13.69 1.84 14.40
CA LEU B 324 14.30 3.16 14.24
C LEU B 324 15.29 3.17 13.08
N LEU B 325 16.12 2.13 12.97
CA LEU B 325 17.08 2.07 11.87
C LEU B 325 16.36 1.95 10.53
N ALA B 326 15.29 1.15 10.47
CA ALA B 326 14.54 1.03 9.23
C ALA B 326 13.64 2.23 8.99
N GLY B 327 13.37 3.03 10.02
CA GLY B 327 12.44 4.13 9.89
C GLY B 327 13.06 5.50 9.74
N LEU B 328 14.13 5.77 10.51
CA LEU B 328 14.74 7.09 10.49
C LEU B 328 15.35 7.39 9.14
N PHE B 329 16.15 6.46 8.60
CA PHE B 329 16.77 6.67 7.30
C PHE B 329 15.71 6.78 6.21
N GLY B 330 14.70 5.91 6.27
CA GLY B 330 13.63 5.97 5.28
C GLY B 330 12.84 7.26 5.34
N SER B 331 12.51 7.71 6.54
CA SER B 331 11.74 8.95 6.68
C SER B 331 12.55 10.16 6.23
N LEU B 332 13.85 10.18 6.57
CA LEU B 332 14.71 11.29 6.14
C LEU B 332 14.82 11.34 4.61
N CYS B 333 15.05 10.19 3.98
CA CYS B 333 15.08 10.16 2.52
C CYS B 333 13.73 10.55 1.95
N GLY B 334 12.64 10.18 2.63
CA GLY B 334 11.32 10.51 2.14
C GLY B 334 11.06 12.00 2.13
N VAL B 335 11.41 12.69 3.22
CA VAL B 335 11.22 14.14 3.21
C VAL B 335 12.17 14.81 2.24
N ILE B 336 13.39 14.31 2.12
CA ILE B 336 14.35 14.91 1.20
C ILE B 336 13.83 14.85 -0.23
N ILE B 337 13.29 13.70 -0.65
CA ILE B 337 12.77 13.61 -2.01
C ILE B 337 11.45 14.37 -2.14
N GLY B 338 10.59 14.30 -1.12
CA GLY B 338 9.25 14.85 -1.25
C GLY B 338 9.22 16.37 -1.24
N VAL B 339 10.02 17.00 -0.37
CA VAL B 339 10.07 18.46 -0.34
C VAL B 339 10.62 18.98 -1.67
N VAL B 340 11.64 18.31 -2.21
CA VAL B 340 12.20 18.72 -3.50
C VAL B 340 11.17 18.56 -4.61
N VAL B 341 10.45 17.44 -4.64
CA VAL B 341 9.50 17.19 -5.72
C VAL B 341 8.20 17.98 -5.57
N SER B 342 7.93 18.53 -4.38
CA SER B 342 6.75 19.36 -4.17
C SER B 342 7.02 20.84 -4.34
N LEU B 343 8.15 21.33 -3.81
CA LEU B 343 8.50 22.74 -3.99
C LEU B 343 8.81 23.05 -5.44
N GLN B 344 9.67 22.25 -6.07
CA GLN B 344 10.02 22.40 -7.47
C GLN B 344 9.61 21.12 -8.19
N LEU B 345 8.34 21.08 -8.59
CA LEU B 345 7.80 19.92 -9.29
C LEU B 345 8.40 19.81 -10.68
N THR B 346 8.44 18.59 -11.20
CA THR B 346 8.95 18.35 -12.55
C THR B 346 8.04 19.01 -13.56
N PRO B 347 8.43 20.14 -14.16
CA PRO B 347 7.44 21.01 -14.82
C PRO B 347 6.75 20.41 -16.04
N ILE B 348 7.51 19.95 -17.04
CA ILE B 348 6.96 19.60 -18.33
C ILE B 348 7.41 18.24 -18.83
N ILE B 349 8.32 17.56 -18.14
CA ILE B 349 8.80 16.29 -18.65
C ILE B 349 7.79 15.21 -18.25
N GLU B 350 6.75 15.07 -19.07
CA GLU B 350 5.71 14.06 -18.85
C GLU B 350 5.21 13.46 -20.16
N TRP B 351 5.81 13.79 -21.30
CA TRP B 351 5.24 13.48 -22.61
C TRP B 351 5.11 11.97 -22.86
N ILE B 352 6.23 11.27 -22.96
CA ILE B 352 6.23 9.85 -23.28
C ILE B 352 7.19 9.13 -22.33
N GLU B 353 6.73 8.05 -21.73
CA GLU B 353 7.53 7.29 -20.79
C GLU B 353 8.48 6.36 -21.56
N LYS B 354 9.10 5.43 -20.85
CA LYS B 354 10.08 4.53 -21.46
C LYS B 354 9.40 3.59 -22.46
N LEU B 355 10.21 3.12 -23.41
CA LEU B 355 9.70 2.21 -24.44
C LEU B 355 9.26 0.89 -23.82
N ILE B 356 8.09 0.42 -24.24
CA ILE B 356 7.50 -0.80 -23.70
C ILE B 356 7.06 -1.69 -24.87
N GLY B 357 7.06 -3.00 -24.64
CA GLY B 357 6.60 -3.92 -25.66
C GLY B 357 5.12 -3.79 -25.95
N HIS B 358 4.30 -3.67 -24.91
CA HIS B 358 2.86 -3.47 -25.04
C HIS B 358 2.47 -2.20 -24.31
N GLN B 359 1.87 -1.27 -25.04
CA GLN B 359 1.45 0.01 -24.46
C GLN B 359 0.15 -0.21 -23.68
N PHE B 360 0.15 0.22 -22.42
CA PHE B 360 -0.99 -0.01 -21.52
C PHE B 360 -1.97 1.15 -21.64
N LEU B 361 -3.11 0.88 -22.28
CA LEU B 361 -4.23 1.83 -22.40
C LEU B 361 -3.77 3.16 -22.99
N SER B 362 -3.19 3.07 -24.19
CA SER B 362 -2.72 4.26 -24.87
C SER B 362 -3.88 5.12 -25.35
N SER B 363 -3.62 6.43 -25.46
CA SER B 363 -4.60 7.42 -25.90
C SER B 363 -5.84 7.45 -25.01
N ASP B 364 -5.66 7.14 -23.73
CA ASP B 364 -6.74 7.20 -22.75
C ASP B 364 -6.80 8.61 -22.17
N ILE B 365 -7.56 8.77 -21.08
CA ILE B 365 -7.67 10.08 -20.43
C ILE B 365 -6.34 10.43 -19.77
N TYR B 366 -5.82 11.61 -20.10
CA TYR B 366 -4.56 12.11 -19.56
C TYR B 366 -4.81 13.45 -18.89
N PHE B 367 -4.33 13.58 -17.65
CA PHE B 367 -4.53 14.79 -16.86
C PHE B 367 -3.20 15.24 -16.29
N ILE B 368 -2.99 16.55 -16.25
CA ILE B 368 -1.84 17.11 -15.54
C ILE B 368 -2.01 16.85 -14.05
N ASP B 369 -0.88 16.68 -13.34
CA ASP B 369 -0.95 16.27 -11.95
C ASP B 369 -1.39 17.41 -11.04
N PHE B 370 -0.59 18.47 -10.95
CA PHE B 370 -0.92 19.55 -10.02
C PHE B 370 -0.17 20.81 -10.41
N LEU B 371 -0.91 21.89 -10.62
CA LEU B 371 -0.30 23.20 -10.77
C LEU B 371 0.07 23.80 -9.42
N PRO B 372 -0.85 23.92 -8.44
CA PRO B 372 -0.45 24.56 -7.19
C PRO B 372 0.05 23.58 -6.15
N SER B 373 0.93 24.08 -5.29
CA SER B 373 1.49 23.29 -4.19
C SER B 373 2.07 24.25 -3.17
N GLU B 374 1.56 24.18 -1.93
CA GLU B 374 1.97 25.07 -0.86
C GLU B 374 2.84 24.35 0.14
N LEU B 375 3.94 24.98 0.52
CA LEU B 375 4.86 24.44 1.52
C LEU B 375 4.40 24.93 2.89
N HIS B 376 4.10 23.98 3.78
CA HIS B 376 3.60 24.34 5.11
C HIS B 376 4.66 24.24 6.19
N TRP B 377 5.57 23.28 6.07
CA TRP B 377 6.67 23.03 7.02
C TRP B 377 6.18 22.68 8.41
N LEU B 378 4.89 22.42 8.58
CA LEU B 378 4.33 21.92 9.83
C LEU B 378 3.67 20.56 9.66
N ASP B 379 3.01 20.31 8.52
CA ASP B 379 2.53 18.98 8.22
C ASP B 379 3.67 18.01 7.94
N VAL B 380 4.83 18.53 7.54
CA VAL B 380 6.01 17.67 7.38
C VAL B 380 6.41 17.08 8.73
N PHE B 381 6.39 17.89 9.79
CA PHE B 381 6.72 17.40 11.12
C PHE B 381 5.70 16.35 11.57
N TYR B 382 4.41 16.57 11.29
CA TYR B 382 3.41 15.58 11.65
C TYR B 382 3.58 14.29 10.87
N VAL B 383 3.95 14.39 9.59
CA VAL B 383 4.18 13.19 8.78
C VAL B 383 5.36 12.42 9.32
N LEU B 384 6.45 13.10 9.69
CA LEU B 384 7.60 12.42 10.28
C LEU B 384 7.24 11.76 11.60
N VAL B 385 6.47 12.46 12.44
CA VAL B 385 6.08 11.89 13.73
C VAL B 385 5.24 10.64 13.53
N THR B 386 4.27 10.69 12.61
CA THR B 386 3.41 9.53 12.41
C THR B 386 4.18 8.39 11.72
N ALA B 387 5.16 8.70 10.87
CA ALA B 387 5.95 7.65 10.26
C ALA B 387 6.84 6.96 11.27
N LEU B 388 7.48 7.72 12.15
CA LEU B 388 8.29 7.11 13.21
C LEU B 388 7.43 6.29 14.16
N LEU B 389 6.25 6.81 14.51
CA LEU B 389 5.37 6.07 15.42
C LEU B 389 4.88 4.78 14.78
N LEU B 390 4.54 4.82 13.49
CA LEU B 390 4.09 3.60 12.82
C LEU B 390 5.23 2.61 12.65
N SER B 391 6.45 3.10 12.39
CA SER B 391 7.59 2.20 12.30
C SER B 391 7.88 1.52 13.63
N LEU B 392 7.77 2.26 14.73
CA LEU B 392 7.94 1.66 16.05
C LEU B 392 6.84 0.65 16.35
N LEU B 393 5.60 0.97 15.99
CA LEU B 393 4.49 0.09 16.34
C LEU B 393 4.48 -1.17 15.50
N ALA B 394 4.91 -1.07 14.24
CA ALA B 394 4.88 -2.23 13.34
C ALA B 394 5.90 -3.29 13.77
N SER B 395 7.06 -2.86 14.24
CA SER B 395 8.13 -3.77 14.62
C SER B 395 8.13 -4.09 16.11
N TRP B 396 7.00 -3.90 16.79
CA TRP B 396 6.90 -4.14 18.21
C TRP B 396 5.92 -5.26 18.55
N TYR B 397 4.71 -5.23 18.00
CA TYR B 397 3.73 -6.26 18.31
C TYR B 397 4.15 -7.66 17.88
N PRO B 398 4.63 -7.90 16.65
CA PRO B 398 5.13 -9.25 16.34
C PRO B 398 6.32 -9.66 17.18
N ALA B 399 7.14 -8.70 17.62
CA ALA B 399 8.28 -9.03 18.47
C ALA B 399 7.82 -9.64 19.79
N ARG B 400 6.89 -8.98 20.48
CA ARG B 400 6.41 -9.52 21.75
C ARG B 400 5.55 -10.76 21.52
N ARG B 401 4.84 -10.84 20.39
CA ARG B 401 4.06 -12.04 20.10
C ARG B 401 4.96 -13.25 19.95
N ALA B 402 6.07 -13.11 19.23
CA ALA B 402 7.03 -14.20 19.10
C ALA B 402 7.77 -14.45 20.40
N SER B 403 7.99 -13.41 21.21
CA SER B 403 8.68 -13.60 22.48
C SER B 403 7.82 -14.30 23.51
N ASN B 404 6.50 -14.29 23.35
CA ASN B 404 5.61 -14.95 24.30
C ASN B 404 5.40 -16.43 24.02
N ILE B 405 5.89 -16.95 22.91
CA ILE B 405 5.73 -18.36 22.57
C ILE B 405 6.86 -19.16 23.20
N ASP B 406 6.58 -20.41 23.53
CA ASP B 406 7.60 -21.30 24.08
C ASP B 406 8.68 -21.55 23.03
N PRO B 407 9.96 -21.46 23.41
CA PRO B 407 11.03 -21.57 22.40
C PRO B 407 11.07 -22.89 21.66
N ALA B 408 10.71 -24.00 22.31
CA ALA B 408 10.82 -25.30 21.66
C ALA B 408 9.81 -25.46 20.53
N ARG B 409 8.60 -24.93 20.71
CA ARG B 409 7.57 -25.08 19.69
C ARG B 409 7.92 -24.31 18.43
N VAL B 410 8.29 -23.03 18.56
CA VAL B 410 8.55 -22.21 17.39
C VAL B 410 9.84 -22.62 16.69
N LEU B 411 10.84 -23.07 17.47
CA LEU B 411 12.10 -23.48 16.85
C LEU B 411 11.94 -24.74 16.02
N SER B 412 10.98 -25.60 16.37
CA SER B 412 10.74 -26.81 15.58
C SER B 412 10.05 -26.51 14.25
N GLY B 413 9.52 -25.31 14.06
CA GLY B 413 8.79 -24.95 12.87
C GLY B 413 7.29 -24.93 13.01
N GLN B 414 6.77 -25.12 14.23
CA GLN B 414 5.33 -25.12 14.46
C GLN B 414 4.75 -23.72 14.30
N LYS C 3 32.72 -51.97 -15.14
CA LYS C 3 32.51 -50.64 -15.71
C LYS C 3 32.40 -49.59 -14.61
N ILE C 4 32.65 -48.34 -14.97
CA ILE C 4 32.58 -47.24 -14.03
C ILE C 4 31.27 -46.50 -14.22
N LEU C 5 30.82 -45.84 -13.17
CA LEU C 5 29.56 -45.10 -13.18
C LEU C 5 29.73 -43.62 -12.88
N LEU C 6 30.55 -43.26 -11.89
CA LEU C 6 30.75 -41.87 -11.51
C LEU C 6 32.24 -41.65 -11.27
N GLN C 7 32.86 -40.81 -12.08
CA GLN C 7 34.30 -40.59 -12.01
C GLN C 7 34.58 -39.12 -11.75
N CYS C 8 35.54 -38.84 -10.86
CA CYS C 8 36.02 -37.50 -10.64
C CYS C 8 37.54 -37.51 -10.62
N ASP C 9 38.15 -36.47 -11.18
CA ASP C 9 39.60 -36.36 -11.20
C ASP C 9 40.01 -34.90 -11.07
N ASN C 10 41.09 -34.68 -10.31
CA ASN C 10 41.65 -33.35 -10.08
C ASN C 10 40.59 -32.38 -9.58
N LEU C 11 39.73 -32.86 -8.69
CA LEU C 11 38.64 -32.04 -8.16
C LEU C 11 39.18 -31.19 -7.02
N CYS C 12 39.26 -29.88 -7.23
CA CYS C 12 39.74 -28.94 -6.23
C CYS C 12 38.66 -27.90 -5.99
N LYS C 13 38.38 -27.62 -4.72
CA LYS C 13 37.42 -26.59 -4.35
C LYS C 13 38.03 -25.71 -3.27
N ARG C 14 37.98 -24.40 -3.49
CA ARG C 14 38.47 -23.44 -2.51
C ARG C 14 37.40 -22.38 -2.29
N TYR C 15 37.36 -21.87 -1.06
CA TYR C 15 36.38 -20.87 -0.65
C TYR C 15 37.09 -19.55 -0.40
N GLN C 16 36.54 -18.47 -0.96
CA GLN C 16 37.09 -17.14 -0.76
C GLN C 16 35.96 -16.14 -0.84
N GLU C 17 35.60 -15.57 0.31
CA GLU C 17 34.59 -14.52 0.38
C GLU C 17 35.20 -13.14 0.57
N GLY C 18 36.05 -12.97 1.57
CA GLY C 18 36.87 -11.80 1.71
C GLY C 18 38.27 -12.02 1.16
N SER C 19 39.23 -11.28 1.72
CA SER C 19 40.62 -11.50 1.36
C SER C 19 41.16 -12.81 1.89
N VAL C 20 40.50 -13.39 2.89
CA VAL C 20 40.95 -14.66 3.47
C VAL C 20 40.53 -15.81 2.56
N GLN C 21 41.46 -16.71 2.28
CA GLN C 21 41.21 -17.88 1.46
C GLN C 21 41.11 -19.11 2.34
N THR C 22 40.24 -20.04 1.93
CA THR C 22 40.07 -21.31 2.64
C THR C 22 39.80 -22.39 1.59
N ASP C 23 40.74 -23.30 1.41
CA ASP C 23 40.59 -24.39 0.47
C ASP C 23 40.23 -25.69 1.19
N VAL C 24 39.43 -26.52 0.53
CA VAL C 24 38.91 -27.73 1.16
C VAL C 24 39.25 -29.00 0.41
N LEU C 25 39.62 -28.96 -0.87
CA LEU C 25 39.90 -30.17 -1.63
C LEU C 25 41.20 -30.00 -2.41
N HIS C 26 41.95 -31.10 -2.53
CA HIS C 26 43.25 -31.11 -3.19
C HIS C 26 43.28 -32.24 -4.21
N ASN C 27 42.80 -31.96 -5.43
CA ASN C 27 42.90 -32.86 -6.57
C ASN C 27 42.33 -34.24 -6.27
N VAL C 28 41.11 -34.26 -5.71
CA VAL C 28 40.46 -35.51 -5.36
C VAL C 28 40.12 -36.27 -6.64
N SER C 29 40.55 -37.53 -6.71
CA SER C 29 40.32 -38.35 -7.89
C SER C 29 39.93 -39.76 -7.45
N PHE C 30 38.75 -40.21 -7.89
CA PHE C 30 38.29 -41.56 -7.63
C PHE C 30 37.10 -41.87 -8.54
N SER C 31 36.86 -43.15 -8.74
CA SER C 31 35.78 -43.63 -9.60
C SER C 31 34.96 -44.68 -8.89
N VAL C 32 33.66 -44.66 -9.11
CA VAL C 32 32.71 -45.60 -8.52
C VAL C 32 32.02 -46.35 -9.65
N GLY C 33 32.08 -47.68 -9.61
CA GLY C 33 31.37 -48.50 -10.56
C GLY C 33 29.94 -48.75 -10.16
N GLU C 34 29.22 -49.44 -11.03
CA GLU C 34 27.80 -49.71 -10.79
C GLU C 34 27.63 -50.73 -9.66
N GLY C 35 26.59 -50.53 -8.86
CA GLY C 35 26.22 -51.45 -7.79
C GLY C 35 27.30 -51.69 -6.77
N GLU C 36 27.95 -50.64 -6.29
CA GLU C 36 29.12 -50.76 -5.44
C GLU C 36 28.89 -50.03 -4.12
N MET C 37 29.01 -50.74 -3.01
CA MET C 37 29.14 -50.11 -1.70
C MET C 37 30.45 -49.34 -1.58
N MET C 38 30.39 -48.23 -0.86
CA MET C 38 31.58 -47.42 -0.63
C MET C 38 31.36 -46.56 0.61
N ALA C 39 32.42 -46.36 1.39
CA ALA C 39 32.39 -45.51 2.57
C ALA C 39 33.46 -44.44 2.46
N ILE C 40 33.13 -43.22 2.90
CA ILE C 40 34.02 -42.08 2.79
C ILE C 40 34.20 -41.59 4.24
N VAL C 41 34.27 -42.56 5.17
CA VAL C 41 34.49 -42.25 6.57
C VAL C 41 35.73 -41.36 6.72
N GLY C 42 35.67 -40.43 7.67
CA GLY C 42 36.75 -39.48 7.86
C GLY C 42 36.48 -38.59 9.05
N SER C 43 37.44 -37.71 9.31
CA SER C 43 37.34 -36.81 10.46
C SER C 43 36.35 -35.69 10.19
N SER C 44 35.94 -35.03 11.27
CA SER C 44 35.02 -33.91 11.15
C SER C 44 35.72 -32.71 10.54
N GLY C 45 35.01 -32.00 9.66
CA GLY C 45 35.58 -30.86 8.98
C GLY C 45 36.56 -31.20 7.89
N SER C 46 36.67 -32.48 7.51
CA SER C 46 37.64 -32.88 6.51
C SER C 46 37.25 -32.40 5.12
N GLY C 47 35.97 -32.40 4.80
CA GLY C 47 35.51 -32.05 3.47
C GLY C 47 34.67 -33.13 2.82
N LYS C 48 34.04 -33.96 3.65
CA LYS C 48 33.21 -35.04 3.13
C LYS C 48 31.94 -34.51 2.47
N SER C 49 31.27 -33.57 3.13
CA SER C 49 29.98 -33.09 2.64
C SER C 49 30.13 -32.28 1.36
N THR C 50 31.16 -31.43 1.29
CA THR C 50 31.36 -30.61 0.09
C THR C 50 31.72 -31.48 -1.11
N LEU C 51 32.45 -32.57 -0.90
CA LEU C 51 32.73 -33.49 -2.00
C LEU C 51 31.44 -34.12 -2.52
N LEU C 52 30.56 -34.53 -1.61
CA LEU C 52 29.28 -35.11 -2.01
C LEU C 52 28.43 -34.10 -2.76
N HIS C 53 28.45 -32.84 -2.32
CA HIS C 53 27.74 -31.80 -3.06
C HIS C 53 28.33 -31.63 -4.45
N LEU C 54 29.65 -31.70 -4.57
CA LEU C 54 30.30 -31.54 -5.87
C LEU C 54 29.96 -32.69 -6.82
N LEU C 55 29.95 -33.93 -6.33
CA LEU C 55 29.65 -35.05 -7.20
C LEU C 55 28.19 -35.06 -7.63
N GLY C 56 27.30 -34.52 -6.80
CA GLY C 56 25.89 -34.51 -7.13
C GLY C 56 25.47 -33.44 -8.11
N GLY C 57 26.38 -32.58 -8.52
CA GLY C 57 26.03 -31.49 -9.41
C GLY C 57 25.33 -30.34 -8.75
N LEU C 58 25.27 -30.31 -7.43
CA LEU C 58 24.64 -29.23 -6.70
C LEU C 58 25.59 -28.08 -6.39
N ASP C 59 26.83 -28.15 -6.87
CA ASP C 59 27.79 -27.09 -6.66
C ASP C 59 28.81 -27.10 -7.80
N THR C 60 29.50 -25.98 -7.96
CA THR C 60 30.49 -25.83 -9.03
C THR C 60 31.87 -26.14 -8.50
N PRO C 61 32.58 -27.12 -9.06
CA PRO C 61 33.94 -27.40 -8.57
C PRO C 61 34.95 -26.33 -8.98
N THR C 62 34.78 -25.73 -10.16
CA THR C 62 35.58 -24.63 -10.68
C THR C 62 37.05 -24.99 -10.91
N SER C 63 37.42 -26.24 -10.63
CA SER C 63 38.79 -26.68 -10.89
C SER C 63 38.86 -28.11 -11.43
N GLY C 64 37.75 -28.67 -11.87
CA GLY C 64 37.77 -30.03 -12.37
C GLY C 64 36.47 -30.39 -13.06
N ASP C 65 36.26 -31.68 -13.23
CA ASP C 65 35.05 -32.17 -13.88
C ASP C 65 34.62 -33.48 -13.24
N VAL C 66 33.31 -33.70 -13.21
CA VAL C 66 32.72 -34.94 -12.74
C VAL C 66 31.96 -35.58 -13.89
N ILE C 67 32.28 -36.83 -14.20
CA ILE C 67 31.70 -37.54 -15.32
C ILE C 67 30.73 -38.58 -14.78
N PHE C 68 29.47 -38.46 -15.15
CA PHE C 68 28.42 -39.38 -14.74
C PHE C 68 27.91 -40.11 -15.98
N ASN C 69 28.17 -41.41 -16.06
CA ASN C 69 27.74 -42.25 -17.17
C ASN C 69 28.27 -41.73 -18.51
N GLY C 70 29.49 -41.21 -18.49
CA GLY C 70 30.11 -40.68 -19.68
C GLY C 70 29.77 -39.24 -20.00
N GLN C 71 28.87 -38.62 -19.24
CA GLN C 71 28.48 -37.24 -19.49
C GLN C 71 29.08 -36.34 -18.43
N PRO C 72 29.95 -35.39 -18.79
CA PRO C 72 30.44 -34.44 -17.80
C PRO C 72 29.32 -33.57 -17.26
N MET C 73 29.41 -33.23 -15.98
CA MET C 73 28.35 -32.48 -15.33
C MET C 73 28.35 -31.01 -15.72
N SER C 74 29.51 -30.46 -16.08
CA SER C 74 29.58 -29.05 -16.42
C SER C 74 28.85 -28.75 -17.72
N LYS C 75 29.11 -29.54 -18.76
CA LYS C 75 28.47 -29.34 -20.06
C LYS C 75 27.14 -30.09 -20.09
N LEU C 76 26.20 -29.59 -19.29
CA LEU C 76 24.88 -30.19 -19.17
C LEU C 76 23.85 -29.07 -19.07
N SER C 77 22.84 -29.12 -19.95
CA SER C 77 21.78 -28.13 -19.91
C SER C 77 20.89 -28.36 -18.69
N SER C 78 20.19 -27.29 -18.28
CA SER C 78 19.31 -27.40 -17.12
C SER C 78 18.15 -28.36 -17.36
N ALA C 79 17.76 -28.53 -18.63
CA ALA C 79 16.72 -29.49 -18.97
C ALA C 79 17.20 -30.93 -18.89
N ALA C 80 18.52 -31.16 -18.84
CA ALA C 80 19.06 -32.50 -18.70
C ALA C 80 19.55 -32.80 -17.29
N LYS C 81 20.02 -31.77 -16.61
CA LYS C 81 20.49 -31.96 -15.23
C LYS C 81 19.27 -32.37 -14.45
N ALA C 82 18.15 -31.73 -14.70
CA ALA C 82 17.02 -32.08 -13.84
C ALA C 82 16.68 -33.54 -14.02
N GLU C 83 16.63 -34.00 -15.24
CA GLU C 83 16.18 -35.39 -15.44
C GLU C 83 17.16 -36.32 -14.74
N LEU C 84 18.45 -36.08 -14.90
CA LEU C 84 19.44 -37.01 -14.31
C LEU C 84 19.15 -36.99 -12.84
N ARG C 85 19.03 -35.81 -12.27
CA ARG C 85 18.89 -35.69 -10.83
C ARG C 85 17.59 -36.29 -10.33
N ASN C 86 16.60 -36.44 -11.19
CA ASN C 86 15.31 -37.01 -10.78
C ASN C 86 15.30 -38.53 -10.89
N GLN C 87 15.85 -39.10 -11.96
CA GLN C 87 15.78 -40.54 -12.11
C GLN C 87 17.10 -41.25 -11.79
N LYS C 88 18.21 -40.80 -12.35
CA LYS C 88 19.44 -41.59 -12.25
C LYS C 88 20.08 -41.48 -10.87
N LEU C 89 19.92 -40.35 -10.19
CA LEU C 89 20.67 -40.08 -8.96
C LEU C 89 19.72 -39.71 -7.84
N GLY C 90 20.03 -40.20 -6.64
CA GLY C 90 19.31 -39.81 -5.44
C GLY C 90 20.28 -39.25 -4.42
N PHE C 91 19.82 -38.29 -3.63
CA PHE C 91 20.66 -37.56 -2.71
C PHE C 91 20.01 -37.47 -1.34
N ILE C 92 20.80 -37.70 -0.29
CA ILE C 92 20.36 -37.52 1.09
C ILE C 92 21.22 -36.44 1.71
N TYR C 93 20.60 -35.31 2.07
CA TYR C 93 21.34 -34.24 2.72
C TYR C 93 21.70 -34.65 4.16
N GLN C 94 22.74 -34.00 4.68
CA GLN C 94 23.16 -34.29 6.05
C GLN C 94 22.10 -33.88 7.06
N PHE C 95 21.40 -32.77 6.80
CA PHE C 95 20.39 -32.28 7.71
C PHE C 95 18.98 -32.51 7.18
N HIS C 96 18.82 -33.48 6.26
CA HIS C 96 17.55 -33.96 5.71
C HIS C 96 16.53 -32.85 5.45
N HIS C 97 16.87 -31.94 4.53
CA HIS C 97 16.00 -30.82 4.22
C HIS C 97 14.67 -31.29 3.65
N LEU C 98 13.60 -31.12 4.40
CA LEU C 98 12.26 -31.54 4.01
C LEU C 98 11.37 -30.32 3.83
N LEU C 99 10.39 -30.44 2.96
CA LEU C 99 9.44 -29.36 2.72
C LEU C 99 8.49 -29.26 3.91
N PRO C 100 8.55 -28.20 4.70
CA PRO C 100 7.75 -28.17 5.94
C PRO C 100 6.32 -27.68 5.74
N ASP C 101 5.66 -28.15 4.69
CA ASP C 101 4.23 -27.90 4.53
C ASP C 101 3.48 -29.10 3.97
N PHE C 102 4.18 -30.17 3.61
CA PHE C 102 3.56 -31.40 3.17
C PHE C 102 3.63 -32.43 4.29
N THR C 103 2.77 -33.44 4.21
CA THR C 103 2.89 -34.56 5.14
C THR C 103 4.10 -35.40 4.75
N ALA C 104 4.45 -36.35 5.64
CA ALA C 104 5.55 -37.24 5.35
C ALA C 104 5.26 -38.10 4.13
N LEU C 105 4.01 -38.52 3.97
CA LEU C 105 3.63 -39.31 2.80
C LEU C 105 3.82 -38.52 1.52
N GLU C 106 3.41 -37.24 1.51
CA GLU C 106 3.61 -36.42 0.33
C GLU C 106 5.08 -36.11 0.10
N ASN C 107 5.85 -35.98 1.19
CA ASN C 107 7.28 -35.71 1.06
C ASN C 107 8.00 -36.89 0.40
N VAL C 108 7.66 -38.11 0.80
CA VAL C 108 8.30 -39.29 0.19
C VAL C 108 7.85 -39.44 -1.26
N ALA C 109 6.60 -39.09 -1.58
CA ALA C 109 6.06 -39.28 -2.92
C ALA C 109 6.35 -38.12 -3.85
N MET C 110 7.03 -37.07 -3.37
CA MET C 110 7.27 -35.89 -4.22
C MET C 110 8.11 -36.18 -5.46
N PRO C 111 9.24 -36.91 -5.39
CA PRO C 111 9.98 -37.20 -6.63
C PRO C 111 9.18 -38.05 -7.61
N LEU C 112 8.26 -38.88 -7.15
CA LEU C 112 7.40 -39.62 -8.06
C LEU C 112 6.42 -38.69 -8.75
N LEU C 113 5.88 -37.70 -8.03
CA LEU C 113 5.02 -36.70 -8.65
C LEU C 113 5.78 -35.89 -9.69
N ILE C 114 7.02 -35.50 -9.38
CA ILE C 114 7.80 -34.68 -10.30
C ILE C 114 8.11 -35.46 -11.57
N GLY C 115 8.30 -36.77 -11.46
CA GLY C 115 8.64 -37.60 -12.60
C GLY C 115 7.49 -37.92 -13.53
N LYS C 116 6.33 -37.28 -13.35
CA LYS C 116 5.16 -37.43 -14.23
C LYS C 116 4.68 -38.88 -14.29
N LYS C 117 4.82 -39.61 -13.18
CA LYS C 117 4.27 -40.95 -13.12
C LYS C 117 2.75 -40.87 -12.99
N LYS C 118 2.07 -41.82 -13.62
CA LYS C 118 0.61 -41.85 -13.56
C LYS C 118 0.18 -42.22 -12.14
N PRO C 119 -0.91 -41.61 -11.63
CA PRO C 119 -1.23 -41.74 -10.20
C PRO C 119 -1.82 -43.08 -9.79
N ALA C 120 -2.28 -43.16 -8.54
CA ALA C 120 -3.00 -44.25 -7.89
C ALA C 120 -2.09 -45.42 -7.48
N GLU C 121 -0.81 -45.42 -7.85
CA GLU C 121 0.17 -46.28 -7.21
C GLU C 121 1.31 -45.49 -6.57
N ILE C 122 1.33 -44.17 -6.75
CA ILE C 122 2.26 -43.32 -6.01
C ILE C 122 2.05 -43.51 -4.52
N ASN C 123 0.78 -43.59 -4.09
CA ASN C 123 0.48 -43.87 -2.70
C ASN C 123 1.02 -45.24 -2.30
N SER C 124 0.90 -46.23 -3.18
CA SER C 124 1.38 -47.58 -2.87
C SER C 124 2.88 -47.60 -2.65
N ARG C 125 3.64 -47.01 -3.58
CA ARG C 125 5.10 -47.00 -3.44
C ARG C 125 5.55 -46.16 -2.25
N ALA C 126 4.90 -45.02 -2.03
CA ALA C 126 5.26 -44.19 -0.88
C ALA C 126 4.99 -44.90 0.43
N LEU C 127 3.85 -45.58 0.54
CA LEU C 127 3.54 -46.33 1.75
C LEU C 127 4.50 -47.51 1.93
N GLU C 128 4.87 -48.16 0.82
CA GLU C 128 5.80 -49.28 0.90
C GLU C 128 7.14 -48.81 1.43
N MET C 129 7.63 -47.68 0.93
CA MET C 129 8.92 -47.17 1.42
C MET C 129 8.82 -46.68 2.86
N LEU C 130 7.69 -46.05 3.23
CA LEU C 130 7.52 -45.58 4.59
C LEU C 130 7.46 -46.75 5.57
N LYS C 131 6.88 -47.86 5.15
CA LYS C 131 6.90 -49.07 5.98
C LYS C 131 8.29 -49.69 6.02
N ALA C 132 9.01 -49.64 4.90
CA ALA C 132 10.35 -50.21 4.84
C ALA C 132 11.30 -49.49 5.79
N VAL C 133 11.20 -48.16 5.87
CA VAL C 133 11.98 -47.43 6.86
C VAL C 133 11.34 -47.47 8.23
N GLY C 134 10.12 -47.97 8.35
CA GLY C 134 9.45 -48.10 9.63
C GLY C 134 8.76 -46.85 10.09
N LEU C 135 7.91 -46.29 9.23
CA LEU C 135 7.21 -45.04 9.55
C LEU C 135 5.75 -45.08 9.13
N ASP C 136 5.10 -46.24 9.26
CA ASP C 136 3.71 -46.37 8.84
C ASP C 136 2.79 -45.49 9.68
N HIS C 137 3.01 -45.44 10.99
CA HIS C 137 2.11 -44.72 11.88
C HIS C 137 2.31 -43.21 11.84
N ARG C 138 3.36 -42.72 11.18
CA ARG C 138 3.63 -41.29 11.08
C ARG C 138 3.58 -40.82 9.63
N ALA C 139 2.64 -41.35 8.86
CA ALA C 139 2.50 -40.97 7.47
C ALA C 139 1.67 -39.71 7.27
N ASN C 140 1.07 -39.17 8.34
CA ASN C 140 0.24 -37.98 8.24
C ASN C 140 0.82 -36.79 9.00
N HIS C 141 2.01 -36.92 9.58
CA HIS C 141 2.61 -35.84 10.33
C HIS C 141 3.49 -34.98 9.43
N ARG C 142 3.42 -33.67 9.63
CA ARG C 142 4.32 -32.76 8.95
C ARG C 142 5.73 -32.90 9.53
N PRO C 143 6.75 -32.46 8.80
CA PRO C 143 8.11 -32.50 9.36
C PRO C 143 8.26 -31.73 10.65
N SER C 144 7.44 -30.71 10.89
CA SER C 144 7.47 -30.02 12.17
C SER C 144 6.99 -30.90 13.30
N GLU C 145 6.06 -31.82 13.02
CA GLU C 145 5.52 -32.70 14.04
C GLU C 145 6.25 -34.03 14.12
N LEU C 146 7.32 -34.22 13.36
CA LEU C 146 8.13 -35.43 13.41
C LEU C 146 9.34 -35.23 14.31
N SER C 147 9.85 -36.35 14.83
CA SER C 147 11.05 -36.32 15.63
C SER C 147 12.28 -36.23 14.72
N GLY C 148 13.42 -35.89 15.33
CA GLY C 148 14.64 -35.76 14.56
C GLY C 148 15.11 -37.08 13.95
N GLY C 149 14.92 -38.17 14.69
CA GLY C 149 15.32 -39.48 14.17
C GLY C 149 14.49 -39.91 12.98
N GLU C 150 13.17 -39.76 13.06
CA GLU C 150 12.32 -40.19 11.97
C GLU C 150 12.20 -39.16 10.87
N ARG C 151 12.63 -37.92 11.10
CA ARG C 151 12.74 -36.97 10.01
C ARG C 151 13.84 -37.36 9.04
N GLN C 152 14.83 -38.11 9.52
CA GLN C 152 15.90 -38.60 8.65
C GLN C 152 15.42 -39.77 7.80
N ARG C 153 14.58 -40.64 8.37
CA ARG C 153 14.06 -41.77 7.61
C ARG C 153 13.17 -41.32 6.46
N VAL C 154 12.48 -40.19 6.61
CA VAL C 154 11.69 -39.66 5.50
C VAL C 154 12.59 -39.29 4.34
N ALA C 155 13.72 -38.63 4.63
CA ALA C 155 14.67 -38.30 3.58
C ALA C 155 15.28 -39.55 2.95
N ILE C 156 15.58 -40.56 3.78
CA ILE C 156 16.13 -41.81 3.26
C ILE C 156 15.15 -42.47 2.31
N ALA C 157 13.87 -42.52 2.69
CA ALA C 157 12.86 -43.11 1.83
C ALA C 157 12.66 -42.27 0.57
N ARG C 158 12.72 -40.95 0.70
CA ARG C 158 12.55 -40.06 -0.45
C ARG C 158 13.65 -40.28 -1.48
N ALA C 159 14.88 -40.52 -1.02
CA ALA C 159 15.97 -40.78 -1.95
C ALA C 159 15.77 -42.10 -2.69
N LEU C 160 15.27 -43.13 -1.99
CA LEU C 160 15.20 -44.47 -2.55
C LEU C 160 13.87 -44.78 -3.24
N VAL C 161 12.89 -43.88 -3.18
CA VAL C 161 11.56 -44.21 -3.68
C VAL C 161 11.52 -44.28 -5.21
N ASN C 162 12.45 -43.63 -5.89
CA ASN C 162 12.43 -43.57 -7.35
C ASN C 162 13.26 -44.65 -8.01
N ASN C 163 13.89 -45.53 -7.22
CA ASN C 163 14.80 -46.57 -7.69
C ASN C 163 15.89 -45.99 -8.57
N PRO C 164 16.80 -45.19 -8.02
CA PRO C 164 17.84 -44.56 -8.85
C PRO C 164 19.00 -45.52 -9.07
N ARG C 165 19.99 -45.05 -9.82
CA ARG C 165 21.19 -45.83 -10.08
C ARG C 165 22.28 -45.60 -9.06
N LEU C 166 22.41 -44.37 -8.56
CA LEU C 166 23.44 -44.05 -7.57
C LEU C 166 22.82 -43.18 -6.49
N VAL C 167 23.09 -43.52 -5.23
CA VAL C 167 22.57 -42.78 -4.09
C VAL C 167 23.76 -42.22 -3.32
N LEU C 168 23.77 -40.90 -3.15
CA LEU C 168 24.78 -40.21 -2.37
C LEU C 168 24.18 -39.89 -1.00
N ALA C 169 24.61 -40.63 0.01
CA ALA C 169 24.09 -40.48 1.36
C ALA C 169 25.09 -39.71 2.21
N ASP C 170 24.64 -38.63 2.83
CA ASP C 170 25.46 -37.79 3.69
C ASP C 170 25.00 -38.03 5.13
N GLN C 171 25.68 -38.93 5.82
CA GLN C 171 25.39 -39.31 7.20
C GLN C 171 23.95 -39.77 7.37
N PRO C 172 23.59 -40.94 6.85
CA PRO C 172 22.21 -41.41 6.96
C PRO C 172 21.94 -42.12 8.28
N THR C 173 22.81 -41.94 9.26
CA THR C 173 22.79 -42.72 10.49
C THR C 173 22.86 -41.88 11.76
N GLY C 174 23.40 -40.66 11.69
CA GLY C 174 23.77 -39.94 12.91
C GLY C 174 22.62 -39.65 13.86
N ASN C 175 21.40 -39.61 13.34
CA ASN C 175 20.22 -39.34 14.17
C ASN C 175 19.44 -40.60 14.53
N LEU C 176 20.00 -41.77 14.28
CA LEU C 176 19.30 -43.03 14.51
C LEU C 176 19.98 -43.84 15.60
N ASP C 177 19.25 -44.81 16.12
CA ASP C 177 19.78 -45.77 17.08
C ASP C 177 20.52 -46.87 16.33
N ALA C 178 21.06 -47.84 17.09
CA ALA C 178 21.79 -48.94 16.47
C ALA C 178 20.87 -49.87 15.68
N ARG C 179 19.69 -50.17 16.24
CA ARG C 179 18.78 -51.10 15.60
C ARG C 179 18.23 -50.53 14.29
N ASN C 180 17.81 -49.26 14.32
CA ASN C 180 17.30 -48.63 13.10
C ASN C 180 18.38 -48.51 12.04
N ALA C 181 19.61 -48.18 12.47
CA ALA C 181 20.71 -48.10 11.52
C ALA C 181 21.00 -49.45 10.88
N ASP C 182 20.98 -50.52 11.68
CA ASP C 182 21.19 -51.85 11.14
C ASP C 182 20.09 -52.22 10.15
N SER C 183 18.84 -51.91 10.49
CA SER C 183 17.73 -52.22 9.60
C SER C 183 17.84 -51.46 8.28
N ILE C 184 18.21 -50.18 8.34
CA ILE C 184 18.32 -49.38 7.13
C ILE C 184 19.49 -49.84 6.28
N PHE C 185 20.60 -50.24 6.90
CA PHE C 185 21.71 -50.77 6.13
C PHE C 185 21.36 -52.10 5.47
N GLN C 186 20.58 -52.94 6.16
CA GLN C 186 20.07 -54.16 5.53
C GLN C 186 19.17 -53.82 4.35
N LEU C 187 18.35 -52.77 4.49
CA LEU C 187 17.50 -52.34 3.38
C LEU C 187 18.33 -51.88 2.19
N LEU C 188 19.41 -51.14 2.45
CA LEU C 188 20.30 -50.70 1.36
C LEU C 188 20.95 -51.89 0.68
N GLY C 189 21.40 -52.87 1.46
CA GLY C 189 21.97 -54.07 0.87
C GLY C 189 20.98 -54.85 0.03
N GLU C 190 19.74 -54.95 0.52
CA GLU C 190 18.69 -55.61 -0.24
C GLU C 190 18.41 -54.88 -1.55
N LEU C 191 18.39 -53.54 -1.51
CA LEU C 191 18.16 -52.75 -2.70
C LEU C 191 19.29 -52.94 -3.71
N ASN C 192 20.54 -53.02 -3.23
CA ASN C 192 21.65 -53.30 -4.14
C ASN C 192 21.48 -54.69 -4.74
N ARG C 193 21.07 -55.67 -3.94
CA ARG C 193 20.92 -57.02 -4.45
C ARG C 193 19.87 -57.10 -5.54
N LEU C 194 18.75 -56.40 -5.37
CA LEU C 194 17.68 -56.48 -6.36
C LEU C 194 17.83 -55.44 -7.47
N GLN C 195 17.83 -54.15 -7.13
CA GLN C 195 17.83 -53.10 -8.14
C GLN C 195 19.23 -52.75 -8.64
N GLY C 196 20.29 -53.20 -7.97
CA GLY C 196 21.63 -52.91 -8.43
C GLY C 196 22.02 -51.45 -8.40
N THR C 197 21.73 -50.76 -7.30
CA THR C 197 22.00 -49.34 -7.18
C THR C 197 23.30 -49.14 -6.41
N ALA C 198 24.24 -48.42 -6.99
CA ALA C 198 25.49 -48.11 -6.31
C ALA C 198 25.23 -47.13 -5.17
N PHE C 199 25.97 -47.30 -4.08
CA PHE C 199 25.80 -46.46 -2.90
C PHE C 199 27.12 -45.81 -2.55
N LEU C 200 27.08 -44.49 -2.33
CA LEU C 200 28.22 -43.72 -1.86
C LEU C 200 27.79 -43.07 -0.54
N VAL C 201 28.21 -43.65 0.57
CA VAL C 201 27.71 -43.27 1.89
C VAL C 201 28.84 -42.65 2.68
N VAL C 202 28.64 -41.42 3.16
CA VAL C 202 29.55 -40.79 4.10
C VAL C 202 29.04 -41.10 5.49
N THR C 203 29.89 -41.70 6.32
CA THR C 203 29.47 -42.17 7.63
C THR C 203 30.49 -41.78 8.69
N HIS C 204 30.02 -41.70 9.93
CA HIS C 204 30.87 -41.49 11.09
C HIS C 204 30.92 -42.70 12.00
N ASP C 205 30.08 -43.70 11.78
CA ASP C 205 30.06 -44.92 12.57
C ASP C 205 31.02 -45.90 11.92
N LEU C 206 32.10 -46.24 12.63
CA LEU C 206 33.13 -47.09 12.04
C LEU C 206 32.69 -48.54 11.89
N GLN C 207 31.72 -48.96 12.70
CA GLN C 207 31.29 -50.36 12.66
C GLN C 207 30.59 -50.68 11.36
N LEU C 208 29.49 -49.98 11.06
CA LEU C 208 28.77 -50.21 9.81
C LEU C 208 29.55 -49.73 8.59
N ALA C 209 30.63 -48.98 8.78
CA ALA C 209 31.49 -48.64 7.66
C ALA C 209 32.24 -49.86 7.14
N LYS C 210 32.49 -50.84 8.02
CA LYS C 210 33.14 -52.08 7.58
C LYS C 210 32.22 -52.91 6.68
N ARG C 211 30.91 -52.77 6.84
CA ARG C 211 29.98 -53.45 5.95
C ARG C 211 30.06 -52.91 4.52
N MET C 212 30.58 -51.69 4.35
CA MET C 212 30.78 -51.14 3.03
C MET C 212 31.90 -51.91 2.32
N SER C 213 31.77 -52.05 1.00
CA SER C 213 32.75 -52.81 0.24
C SER C 213 34.10 -52.11 0.19
N ARG C 214 34.11 -50.79 0.06
CA ARG C 214 35.34 -50.01 -0.04
C ARG C 214 35.27 -48.84 0.92
N GLN C 215 36.41 -48.52 1.54
CA GLN C 215 36.51 -47.43 2.48
C GLN C 215 37.60 -46.45 2.05
N LEU C 216 37.32 -45.16 2.19
CA LEU C 216 38.28 -44.09 1.97
C LEU C 216 38.43 -43.29 3.25
N GLU C 217 39.36 -42.35 3.26
CA GLU C 217 39.67 -41.62 4.48
C GLU C 217 39.38 -40.13 4.41
N MET C 218 39.95 -39.42 3.43
CA MET C 218 39.83 -37.96 3.31
C MET C 218 40.34 -37.29 4.59
N ARG C 219 41.66 -37.36 4.74
CA ARG C 219 42.31 -36.77 5.92
C ARG C 219 42.13 -35.26 5.95
N ASP C 220 42.66 -34.56 4.96
CA ASP C 220 42.71 -33.11 4.96
C ASP C 220 42.27 -32.54 3.61
N GLY C 221 41.30 -33.18 2.99
CA GLY C 221 40.85 -32.77 1.67
C GLY C 221 41.40 -33.60 0.53
N ARG C 222 42.17 -34.64 0.82
CA ARG C 222 42.69 -35.55 -0.20
C ARG C 222 42.16 -36.95 0.08
N LEU C 223 41.63 -37.60 -0.95
CA LEU C 223 41.01 -38.92 -0.80
C LEU C 223 42.10 -39.98 -0.82
N THR C 224 42.69 -40.20 0.35
CA THR C 224 43.71 -41.23 0.49
C THR C 224 43.06 -42.61 0.43
N ALA C 225 43.90 -43.63 0.21
CA ALA C 225 43.39 -44.99 0.06
C ALA C 225 42.77 -45.49 1.36
N GLU C 226 43.59 -45.64 2.40
CA GLU C 226 43.11 -46.17 3.67
C GLU C 226 44.06 -45.89 4.82
N LEU C 227 43.52 -45.32 5.90
CA LEU C 227 44.25 -45.15 7.15
C LEU C 227 43.22 -44.89 8.25
N SER C 228 43.70 -44.52 9.44
CA SER C 228 42.82 -44.20 10.55
C SER C 228 43.44 -43.16 11.47
CA LYS D 3 20.86 -34.05 47.29
C LYS D 3 20.23 -34.26 45.91
N ILE D 4 19.24 -33.43 45.58
CA ILE D 4 18.56 -33.47 44.30
C ILE D 4 18.56 -32.07 43.71
N LEU D 5 18.52 -32.00 42.38
CA LEU D 5 18.53 -30.73 41.68
C LEU D 5 17.29 -30.52 40.81
N LEU D 6 16.92 -31.53 40.03
CA LEU D 6 15.76 -31.45 39.15
C LEU D 6 14.88 -32.67 39.39
N GLN D 7 13.59 -32.45 39.57
CA GLN D 7 12.67 -33.54 39.86
C GLN D 7 11.41 -33.41 39.00
N CYS D 8 10.96 -34.53 38.46
CA CYS D 8 9.76 -34.60 37.63
C CYS D 8 8.64 -35.23 38.44
N ASP D 9 7.51 -34.54 38.55
CA ASP D 9 6.38 -35.02 39.34
C ASP D 9 5.29 -35.54 38.40
N ASN D 10 5.49 -36.78 37.93
CA ASN D 10 4.46 -37.54 37.23
C ASN D 10 3.90 -36.78 36.02
N LEU D 11 4.78 -36.21 35.22
CA LEU D 11 4.37 -35.39 34.10
C LEU D 11 4.22 -36.25 32.84
N CYS D 12 3.21 -35.93 32.04
CA CYS D 12 2.95 -36.62 30.78
C CYS D 12 2.46 -35.61 29.75
N LYS D 13 2.79 -35.86 28.49
CA LYS D 13 2.51 -34.94 27.41
C LYS D 13 1.73 -35.64 26.32
N ARG D 14 0.70 -34.95 25.83
CA ARG D 14 -0.12 -35.38 24.69
C ARG D 14 -0.17 -34.25 23.68
N TYR D 15 -0.52 -34.60 22.44
CA TYR D 15 -0.57 -33.63 21.36
C TYR D 15 -1.93 -33.69 20.67
N GLN D 16 -2.47 -32.52 20.34
CA GLN D 16 -3.76 -32.39 19.66
C GLN D 16 -3.50 -31.81 18.27
N GLU D 17 -3.24 -32.69 17.31
CA GLU D 17 -2.94 -32.30 15.93
C GLU D 17 -4.24 -32.14 15.14
N GLY D 18 -5.05 -31.18 15.58
CA GLY D 18 -6.35 -30.97 14.97
C GLY D 18 -7.38 -31.97 15.45
N SER D 19 -7.67 -31.92 16.77
CA SER D 19 -8.65 -32.80 17.41
C SER D 19 -8.26 -34.27 17.29
N VAL D 20 -6.98 -34.55 17.16
CA VAL D 20 -6.45 -35.91 17.12
C VAL D 20 -5.40 -36.03 18.21
N GLN D 21 -5.57 -37.02 19.09
CA GLN D 21 -4.70 -37.19 20.25
C GLN D 21 -3.64 -38.24 19.94
N THR D 22 -2.38 -37.83 20.01
CA THR D 22 -1.23 -38.73 19.87
C THR D 22 -0.38 -38.55 21.12
N ASP D 23 -0.62 -39.40 22.12
CA ASP D 23 0.07 -39.29 23.40
C ASP D 23 1.54 -39.65 23.23
N VAL D 24 2.41 -38.86 23.86
CA VAL D 24 3.84 -39.08 23.74
C VAL D 24 4.54 -39.37 25.06
N LEU D 25 3.95 -39.04 26.22
CA LEU D 25 4.59 -39.31 27.49
C LEU D 25 3.60 -39.96 28.45
N HIS D 26 4.15 -40.77 29.37
CA HIS D 26 3.33 -41.52 30.34
C HIS D 26 4.01 -41.46 31.72
N ASN D 27 3.62 -40.47 32.52
CA ASN D 27 3.92 -40.42 33.96
C ASN D 27 5.41 -40.58 34.25
N VAL D 28 6.19 -39.62 33.78
CA VAL D 28 7.63 -39.60 34.01
C VAL D 28 7.89 -39.00 35.39
N SER D 29 8.56 -39.76 36.26
CA SER D 29 8.76 -39.35 37.65
C SER D 29 10.17 -39.65 38.12
N PHE D 30 11.16 -39.34 37.30
CA PHE D 30 12.56 -39.56 37.69
C PHE D 30 13.15 -38.29 38.30
N SER D 31 14.25 -38.49 39.02
CA SER D 31 14.95 -37.39 39.68
C SER D 31 16.44 -37.52 39.45
N VAL D 32 17.14 -36.39 39.53
CA VAL D 32 18.58 -36.32 39.30
C VAL D 32 19.20 -35.47 40.40
N GLY D 33 20.36 -35.90 40.89
CA GLY D 33 21.09 -35.17 41.90
C GLY D 33 21.94 -34.07 41.29
N GLU D 34 22.97 -33.67 42.04
CA GLU D 34 23.89 -32.62 41.61
C GLU D 34 25.24 -33.23 41.32
N GLY D 35 25.76 -32.96 40.12
CA GLY D 35 27.01 -33.56 39.69
C GLY D 35 26.89 -34.96 39.16
N GLU D 36 25.68 -35.47 38.98
CA GLU D 36 25.46 -36.84 38.51
C GLU D 36 25.32 -36.83 37.00
N MET D 37 26.27 -37.45 36.31
CA MET D 37 26.22 -37.52 34.85
C MET D 37 25.27 -38.64 34.43
N MET D 38 24.18 -38.26 33.77
CA MET D 38 23.08 -39.16 33.46
C MET D 38 22.97 -39.35 31.96
N ALA D 39 22.61 -40.56 31.54
CA ALA D 39 22.34 -40.85 30.15
C ALA D 39 20.92 -41.37 30.00
N ILE D 40 20.25 -40.90 28.94
CA ILE D 40 18.96 -41.42 28.52
C ILE D 40 19.14 -42.04 27.15
N VAL D 41 18.72 -43.29 27.01
CA VAL D 41 18.86 -44.04 25.76
C VAL D 41 17.49 -44.59 25.38
N GLY D 42 17.18 -44.56 24.10
CA GLY D 42 15.91 -45.10 23.64
C GLY D 42 15.90 -45.21 22.13
N SER D 43 14.84 -45.83 21.63
CA SER D 43 14.66 -45.96 20.20
C SER D 43 14.24 -44.61 19.60
N SER D 44 14.36 -44.51 18.28
CA SER D 44 13.96 -43.29 17.60
C SER D 44 12.45 -43.09 17.69
N GLY D 45 12.05 -41.85 17.95
CA GLY D 45 10.65 -41.52 18.09
C GLY D 45 10.03 -41.87 19.41
N SER D 46 10.83 -42.27 20.40
CA SER D 46 10.26 -42.68 21.69
C SER D 46 9.78 -41.48 22.49
N GLY D 47 10.51 -40.36 22.44
CA GLY D 47 10.09 -39.19 23.19
C GLY D 47 11.16 -38.59 24.08
N LYS D 48 12.42 -38.89 23.80
CA LYS D 48 13.51 -38.35 24.61
C LYS D 48 13.61 -36.84 24.49
N SER D 49 13.52 -36.32 23.27
CA SER D 49 13.69 -34.88 23.06
C SER D 49 12.53 -34.09 23.65
N THR D 50 11.32 -34.64 23.59
CA THR D 50 10.18 -33.98 24.22
C THR D 50 10.36 -33.88 25.73
N LEU D 51 10.84 -34.96 26.36
CA LEU D 51 11.12 -34.93 27.78
C LEU D 51 12.20 -33.91 28.11
N LEU D 52 13.25 -33.86 27.29
CA LEU D 52 14.33 -32.91 27.55
C LEU D 52 13.85 -31.48 27.39
N HIS D 53 12.98 -31.21 26.41
CA HIS D 53 12.39 -29.89 26.28
C HIS D 53 11.53 -29.55 27.50
N LEU D 54 10.79 -30.54 28.02
CA LEU D 54 9.92 -30.28 29.17
C LEU D 54 10.73 -29.93 30.40
N LEU D 55 11.88 -30.58 30.60
CA LEU D 55 12.69 -30.31 31.79
C LEU D 55 13.32 -28.92 31.75
N GLY D 56 13.63 -28.42 30.57
CA GLY D 56 14.25 -27.12 30.46
C GLY D 56 13.32 -25.94 30.55
N GLY D 57 12.02 -26.18 30.70
CA GLY D 57 11.06 -25.09 30.71
C GLY D 57 10.75 -24.52 29.35
N LEU D 58 11.14 -25.19 28.27
CA LEU D 58 10.88 -24.71 26.92
C LEU D 58 9.54 -25.18 26.38
N ASP D 59 8.76 -25.91 27.16
CA ASP D 59 7.46 -26.39 26.70
C ASP D 59 6.54 -26.60 27.90
N THR D 60 5.24 -26.64 27.62
CA THR D 60 4.24 -26.81 28.67
C THR D 60 4.00 -28.29 28.91
N PRO D 61 4.12 -28.77 30.15
CA PRO D 61 3.95 -30.21 30.41
C PRO D 61 2.53 -30.70 30.24
N THR D 62 1.53 -29.82 30.36
CA THR D 62 0.10 -30.14 30.26
C THR D 62 -0.37 -31.12 31.34
N SER D 63 0.53 -31.53 32.23
CA SER D 63 0.23 -32.40 33.36
C SER D 63 1.49 -32.48 34.21
N GLY D 64 1.31 -32.59 35.52
CA GLY D 64 2.43 -32.63 36.41
C GLY D 64 3.20 -31.32 36.43
N ASP D 65 4.41 -31.38 36.99
CA ASP D 65 5.27 -30.21 37.04
C ASP D 65 6.71 -30.67 37.21
N VAL D 66 7.62 -29.76 36.87
CA VAL D 66 9.06 -29.97 37.01
C VAL D 66 9.56 -28.98 38.05
N ILE D 67 10.20 -29.48 39.10
CA ILE D 67 10.69 -28.64 40.19
C ILE D 67 12.21 -28.60 40.14
N PHE D 68 12.75 -27.39 40.07
CA PHE D 68 14.19 -27.13 40.10
C PHE D 68 14.53 -26.68 41.51
N ASN D 69 15.24 -27.55 42.24
CA ASN D 69 15.70 -27.40 43.63
C ASN D 69 14.75 -26.60 44.52
N GLY D 70 13.46 -26.93 44.45
CA GLY D 70 12.45 -26.34 45.30
C GLY D 70 11.49 -25.42 44.59
N GLN D 71 11.84 -24.92 43.41
CA GLN D 71 10.98 -23.99 42.68
C GLN D 71 10.39 -24.67 41.46
N PRO D 72 9.07 -24.87 41.40
CA PRO D 72 8.47 -25.44 40.19
C PRO D 72 8.62 -24.51 39.00
N MET D 73 8.84 -25.11 37.82
CA MET D 73 8.99 -24.32 36.61
C MET D 73 7.66 -23.84 36.05
N SER D 74 6.55 -24.48 36.44
CA SER D 74 5.24 -24.04 35.95
C SER D 74 4.88 -22.67 36.49
N LYS D 75 5.13 -22.43 37.77
CA LYS D 75 4.79 -21.17 38.43
C LYS D 75 6.09 -20.43 38.71
N LEU D 76 6.50 -19.60 37.74
CA LEU D 76 7.72 -18.82 37.88
C LEU D 76 7.59 -17.57 37.01
N SER D 77 8.10 -16.46 37.52
CA SER D 77 8.04 -15.20 36.79
C SER D 77 8.91 -15.27 35.55
N SER D 78 8.57 -14.45 34.55
CA SER D 78 9.32 -14.45 33.30
C SER D 78 10.76 -14.01 33.52
N ALA D 79 10.98 -13.00 34.35
CA ALA D 79 12.35 -12.58 34.67
C ALA D 79 13.10 -13.68 35.41
N ALA D 80 12.44 -14.34 36.36
CA ALA D 80 13.10 -15.43 37.08
C ALA D 80 13.41 -16.59 36.15
N LYS D 81 12.48 -16.91 35.23
CA LYS D 81 12.74 -17.97 34.27
C LYS D 81 13.90 -17.63 33.37
N ALA D 82 13.99 -16.39 32.90
CA ALA D 82 15.10 -15.97 32.06
C ALA D 82 16.42 -16.04 32.81
N GLU D 83 16.41 -15.59 34.06
CA GLU D 83 17.63 -15.66 34.91
C GLU D 83 18.06 -17.14 35.03
N LEU D 84 17.12 -18.01 35.40
CA LEU D 84 17.44 -19.46 35.56
C LEU D 84 18.03 -19.99 34.25
N ARG D 85 17.41 -19.68 33.12
CA ARG D 85 17.89 -20.21 31.84
C ARG D 85 19.22 -19.62 31.42
N ASN D 86 19.58 -18.45 31.93
CA ASN D 86 20.83 -17.82 31.53
C ASN D 86 21.99 -18.18 32.44
N GLN D 87 21.77 -18.24 33.75
CA GLN D 87 22.88 -18.34 34.70
C GLN D 87 23.17 -19.74 35.18
N LYS D 88 22.17 -20.64 35.23
CA LYS D 88 22.40 -21.94 35.84
C LYS D 88 21.74 -23.07 35.04
N LEU D 89 21.66 -22.93 33.72
CA LEU D 89 21.09 -23.99 32.89
C LEU D 89 21.58 -23.82 31.47
N GLY D 90 22.32 -24.80 30.96
CA GLY D 90 22.75 -24.81 29.58
C GLY D 90 21.97 -25.86 28.81
N PHE D 91 21.70 -25.56 27.54
CA PHE D 91 20.90 -26.44 26.71
C PHE D 91 21.58 -26.65 25.36
N ILE D 92 21.63 -27.90 24.91
CA ILE D 92 22.16 -28.26 23.60
C ILE D 92 21.00 -28.81 22.79
N TYR D 93 20.58 -28.08 21.77
CA TYR D 93 19.52 -28.55 20.90
C TYR D 93 20.02 -29.71 20.03
N GLN D 94 19.09 -30.54 19.59
CA GLN D 94 19.46 -31.67 18.74
C GLN D 94 19.90 -31.20 17.37
N PHE D 95 19.42 -30.05 16.91
CA PHE D 95 19.76 -29.51 15.61
C PHE D 95 20.54 -28.21 15.70
N HIS D 96 21.15 -27.93 16.85
CA HIS D 96 22.07 -26.83 17.12
C HIS D 96 21.67 -25.51 16.48
N HIS D 97 20.53 -24.97 16.90
CA HIS D 97 20.05 -23.69 16.36
C HIS D 97 20.99 -22.57 16.79
N LEU D 98 21.74 -22.02 15.84
CA LEU D 98 22.65 -20.91 16.08
C LEU D 98 22.18 -19.69 15.31
N LEU D 99 22.54 -18.51 15.82
CA LEU D 99 22.19 -17.27 15.14
C LEU D 99 22.99 -17.17 13.85
N PRO D 100 22.34 -17.08 12.69
CA PRO D 100 23.10 -17.21 11.42
C PRO D 100 23.88 -15.98 11.02
N ASP D 101 23.53 -14.81 11.58
CA ASP D 101 24.17 -13.53 11.16
C ASP D 101 25.45 -13.24 11.97
N PHE D 102 25.67 -13.97 13.07
CA PHE D 102 26.83 -13.75 13.92
C PHE D 102 27.94 -14.73 13.55
N THR D 103 29.10 -14.53 14.15
CA THR D 103 30.22 -15.43 13.94
C THR D 103 30.21 -16.54 14.98
N ALA D 104 31.11 -17.50 14.82
CA ALA D 104 31.23 -18.58 15.78
C ALA D 104 31.63 -18.05 17.15
N LEU D 105 32.59 -17.14 17.19
CA LEU D 105 33.01 -16.54 18.46
C LEU D 105 31.87 -15.74 19.08
N GLU D 106 31.13 -14.98 18.27
CA GLU D 106 30.00 -14.23 18.79
C GLU D 106 28.89 -15.15 19.26
N ASN D 107 28.68 -16.27 18.55
CA ASN D 107 27.68 -17.23 18.99
C ASN D 107 28.04 -17.84 20.33
N VAL D 108 29.31 -18.20 20.52
CA VAL D 108 29.75 -18.76 21.79
C VAL D 108 29.70 -17.71 22.89
N ALA D 109 30.06 -16.46 22.57
CA ALA D 109 30.08 -15.40 23.56
C ALA D 109 28.70 -14.83 23.86
N MET D 110 27.67 -15.24 23.12
CA MET D 110 26.33 -14.67 23.30
C MET D 110 25.77 -14.84 24.70
N PRO D 111 25.84 -16.01 25.35
CA PRO D 111 25.33 -16.08 26.73
C PRO D 111 26.04 -15.16 27.71
N LEU D 112 27.31 -14.85 27.47
CA LEU D 112 28.03 -13.95 28.37
C LEU D 112 27.59 -12.51 28.15
N LEU D 113 27.30 -12.12 26.90
CA LEU D 113 26.86 -10.77 26.62
C LEU D 113 25.51 -10.47 27.26
N ILE D 114 24.60 -11.44 27.22
CA ILE D 114 23.29 -11.26 27.83
C ILE D 114 23.42 -11.16 29.35
N GLY D 115 24.40 -11.83 29.93
CA GLY D 115 24.62 -11.82 31.36
C GLY D 115 25.29 -10.59 31.92
N LYS D 116 25.59 -9.61 31.08
CA LYS D 116 26.19 -8.33 31.48
C LYS D 116 27.53 -8.54 32.19
N LYS D 117 28.48 -9.09 31.44
CA LYS D 117 29.83 -9.32 31.93
C LYS D 117 30.79 -8.32 31.30
N LYS D 118 31.96 -8.19 31.92
CA LYS D 118 32.96 -7.25 31.43
C LYS D 118 33.48 -7.70 30.07
N PRO D 119 33.58 -6.80 29.09
CA PRO D 119 34.05 -7.21 27.76
C PRO D 119 35.48 -7.73 27.73
N ALA D 120 36.30 -7.39 28.73
CA ALA D 120 37.68 -7.87 28.73
C ALA D 120 37.75 -9.38 28.90
N GLU D 121 36.93 -9.95 29.79
CA GLU D 121 36.96 -11.38 30.06
C GLU D 121 36.05 -12.18 29.14
N ILE D 122 35.07 -11.52 28.50
CA ILE D 122 34.12 -12.23 27.65
C ILE D 122 34.84 -12.87 26.47
N ASN D 123 35.70 -12.10 25.80
CA ASN D 123 36.41 -12.63 24.64
C ASN D 123 37.37 -13.74 25.03
N SER D 124 38.05 -13.58 26.17
CA SER D 124 38.97 -14.61 26.64
C SER D 124 38.25 -15.91 26.94
N ARG D 125 37.11 -15.82 27.65
CA ARG D 125 36.36 -17.03 27.98
C ARG D 125 35.79 -17.69 26.73
N ALA D 126 35.27 -16.89 25.80
CA ALA D 126 34.73 -17.45 24.56
C ALA D 126 35.81 -18.14 23.75
N LEU D 127 37.00 -17.52 23.65
CA LEU D 127 38.09 -18.13 22.91
C LEU D 127 38.58 -19.40 23.58
N GLU D 128 38.65 -19.41 24.91
CA GLU D 128 39.05 -20.62 25.62
C GLU D 128 38.06 -21.76 25.39
N MET D 129 36.76 -21.45 25.45
CA MET D 129 35.76 -22.49 25.22
C MET D 129 35.77 -22.96 23.77
N LEU D 130 36.03 -22.06 22.83
CA LEU D 130 36.14 -22.45 21.43
C LEU D 130 37.35 -23.36 21.21
N LYS D 131 38.46 -23.08 21.91
CA LYS D 131 39.63 -23.94 21.81
C LYS D 131 39.41 -25.28 22.50
N ALA D 132 38.56 -25.31 23.52
CA ALA D 132 38.32 -26.55 24.26
C ALA D 132 37.69 -27.61 23.37
N VAL D 133 36.78 -27.22 22.49
CA VAL D 133 36.12 -28.15 21.58
C VAL D 133 36.96 -28.31 20.32
N GLY D 134 38.16 -27.76 20.33
CA GLY D 134 39.05 -27.84 19.19
C GLY D 134 38.57 -27.10 17.96
N LEU D 135 38.06 -25.89 18.14
CA LEU D 135 37.53 -25.08 17.04
C LEU D 135 38.19 -23.71 17.02
N ASP D 136 39.50 -23.66 17.31
CA ASP D 136 40.21 -22.38 17.37
C ASP D 136 40.33 -21.76 15.99
N HIS D 137 40.54 -22.56 14.96
CA HIS D 137 40.84 -22.06 13.62
C HIS D 137 39.59 -21.67 12.84
N ARG D 138 38.43 -21.54 13.49
CA ARG D 138 37.21 -21.17 12.79
C ARG D 138 36.40 -20.15 13.58
N ALA D 139 37.07 -19.29 14.34
CA ALA D 139 36.35 -18.34 15.19
C ALA D 139 35.68 -17.23 14.40
N ASN D 140 36.15 -16.96 13.18
CA ASN D 140 35.60 -15.88 12.37
C ASN D 140 34.57 -16.36 11.35
N HIS D 141 34.21 -17.64 11.37
CA HIS D 141 33.29 -18.19 10.39
C HIS D 141 31.86 -18.09 10.88
N ARG D 142 30.97 -17.70 9.96
CA ARG D 142 29.55 -17.72 10.23
C ARG D 142 29.04 -19.17 10.25
N PRO D 143 27.88 -19.43 10.86
CA PRO D 143 27.32 -20.78 10.81
C PRO D 143 27.06 -21.29 9.40
N SER D 144 26.82 -20.40 8.44
CA SER D 144 26.66 -20.84 7.06
C SER D 144 27.97 -21.33 6.46
N GLU D 145 29.11 -20.88 6.98
CA GLU D 145 30.42 -21.30 6.49
C GLU D 145 30.97 -22.49 7.25
N LEU D 146 30.30 -22.94 8.30
CA LEU D 146 30.78 -24.07 9.08
C LEU D 146 30.21 -25.38 8.54
N SER D 147 30.69 -26.48 9.09
CA SER D 147 30.21 -27.81 8.74
C SER D 147 29.27 -28.32 9.82
N GLY D 148 28.74 -29.53 9.62
CA GLY D 148 27.85 -30.12 10.60
C GLY D 148 28.55 -30.37 11.92
N GLY D 149 29.73 -30.99 11.87
CA GLY D 149 30.47 -31.24 13.10
C GLY D 149 30.89 -29.96 13.79
N GLU D 150 31.34 -28.97 13.01
CA GLU D 150 31.75 -27.70 13.60
C GLU D 150 30.56 -26.96 14.20
N ARG D 151 29.41 -27.01 13.54
CA ARG D 151 28.22 -26.37 14.10
C ARG D 151 27.80 -27.04 15.42
N GLN D 152 27.86 -28.37 15.46
CA GLN D 152 27.55 -29.07 16.70
C GLN D 152 28.51 -28.69 17.81
N ARG D 153 29.81 -28.58 17.49
CA ARG D 153 30.79 -28.19 18.50
C ARG D 153 30.59 -26.76 18.96
N VAL D 154 30.18 -25.87 18.05
CA VAL D 154 29.88 -24.49 18.43
C VAL D 154 28.72 -24.45 19.40
N ALA D 155 27.68 -25.25 19.14
CA ALA D 155 26.55 -25.31 20.07
C ALA D 155 26.97 -25.85 21.43
N ILE D 156 27.82 -26.89 21.43
CA ILE D 156 28.30 -27.44 22.70
C ILE D 156 29.09 -26.38 23.47
N ALA D 157 29.96 -25.64 22.78
CA ALA D 157 30.73 -24.60 23.44
C ALA D 157 29.84 -23.49 23.98
N ARG D 158 28.79 -23.14 23.23
CA ARG D 158 27.86 -22.11 23.69
C ARG D 158 27.12 -22.57 24.94
N ALA D 159 26.79 -23.87 25.02
CA ALA D 159 26.08 -24.38 26.19
C ALA D 159 26.94 -24.28 27.45
N LEU D 160 28.23 -24.61 27.35
CA LEU D 160 29.09 -24.68 28.52
C LEU D 160 29.86 -23.40 28.81
N VAL D 161 29.66 -22.35 28.03
CA VAL D 161 30.48 -21.15 28.18
C VAL D 161 30.15 -20.37 29.44
N ASN D 162 28.98 -20.59 30.04
CA ASN D 162 28.55 -19.81 31.19
C ASN D 162 28.73 -20.56 32.50
N ASN D 163 29.35 -21.74 32.47
CA ASN D 163 29.52 -22.59 33.64
C ASN D 163 28.20 -22.84 34.37
N PRO D 164 27.23 -23.49 33.74
CA PRO D 164 25.94 -23.71 34.38
C PRO D 164 26.00 -24.87 35.37
N ARG D 165 24.95 -24.95 36.20
CA ARG D 165 24.86 -26.02 37.18
C ARG D 165 24.24 -27.29 36.61
N LEU D 166 23.66 -27.23 35.41
CA LEU D 166 23.05 -28.41 34.80
C LEU D 166 22.98 -28.20 33.29
N VAL D 167 23.43 -29.18 32.53
CA VAL D 167 23.45 -29.10 31.07
C VAL D 167 22.51 -30.17 30.54
N LEU D 168 21.56 -29.75 29.72
CA LEU D 168 20.60 -30.65 29.08
C LEU D 168 21.06 -30.83 27.64
N ALA D 169 21.68 -31.97 27.36
CA ALA D 169 22.25 -32.24 26.05
C ALA D 169 21.36 -33.21 25.29
N ASP D 170 21.06 -32.88 24.04
CA ASP D 170 20.21 -33.69 23.17
C ASP D 170 21.04 -34.15 22.00
N GLN D 171 21.61 -35.36 22.12
CA GLN D 171 22.54 -35.95 21.15
C GLN D 171 23.67 -34.99 20.83
N PRO D 172 24.60 -34.78 21.77
CA PRO D 172 25.68 -33.81 21.52
C PRO D 172 26.74 -34.31 20.56
N THR D 173 26.79 -35.60 20.26
CA THR D 173 27.81 -36.16 19.39
C THR D 173 27.21 -36.86 18.18
N GLY D 174 26.06 -36.37 17.71
CA GLY D 174 25.41 -37.00 16.56
C GLY D 174 26.21 -36.87 15.28
N ASN D 175 26.74 -35.68 15.02
CA ASN D 175 27.43 -35.39 13.76
C ASN D 175 28.95 -35.39 13.90
N LEU D 176 29.47 -36.04 14.93
CA LEU D 176 30.91 -36.07 15.19
C LEU D 176 31.46 -37.47 14.95
N ASP D 177 32.75 -37.53 14.63
CA ASP D 177 33.45 -38.79 14.49
C ASP D 177 33.78 -39.36 15.88
N ALA D 178 34.44 -40.51 15.89
CA ALA D 178 34.75 -41.18 17.15
C ALA D 178 35.72 -40.36 17.99
N ARG D 179 36.75 -39.79 17.36
CA ARG D 179 37.78 -39.04 18.10
C ARG D 179 37.19 -37.79 18.73
N ASN D 180 36.42 -37.02 17.96
CA ASN D 180 35.85 -35.79 18.49
C ASN D 180 34.79 -36.08 19.55
N ALA D 181 34.01 -37.14 19.36
CA ALA D 181 33.03 -37.52 20.38
C ALA D 181 33.73 -37.92 21.67
N ASP D 182 34.82 -38.68 21.58
CA ASP D 182 35.58 -39.04 22.77
C ASP D 182 36.16 -37.81 23.45
N SER D 183 36.69 -36.87 22.68
CA SER D 183 37.22 -35.64 23.25
C SER D 183 36.13 -34.82 23.93
N ILE D 184 34.96 -34.73 23.31
CA ILE D 184 33.85 -33.98 23.90
C ILE D 184 33.40 -34.62 25.21
N PHE D 185 33.30 -35.95 25.24
CA PHE D 185 32.89 -36.62 26.47
C PHE D 185 33.97 -36.47 27.55
N GLN D 186 35.24 -36.49 27.16
CA GLN D 186 36.30 -36.23 28.12
C GLN D 186 36.20 -34.83 28.69
N LEU D 187 35.92 -33.83 27.85
CA LEU D 187 35.77 -32.46 28.31
C LEU D 187 34.58 -32.35 29.26
N LEU D 188 33.49 -33.06 28.95
CA LEU D 188 32.34 -33.08 29.85
C LEU D 188 32.70 -33.69 31.19
N GLY D 189 33.49 -34.76 31.18
CA GLY D 189 33.94 -35.36 32.43
C GLY D 189 34.80 -34.43 33.25
N GLU D 190 35.73 -33.73 32.61
CA GLU D 190 36.56 -32.75 33.33
C GLU D 190 35.72 -31.62 33.89
N LEU D 191 34.73 -31.14 33.12
CA LEU D 191 33.86 -30.09 33.63
C LEU D 191 33.05 -30.56 34.83
N ASN D 192 32.56 -31.80 34.77
CA ASN D 192 31.83 -32.36 35.92
C ASN D 192 32.73 -32.51 37.13
N ARG D 193 33.98 -32.91 36.92
CA ARG D 193 34.89 -33.10 38.04
C ARG D 193 35.34 -31.77 38.65
N LEU D 194 35.49 -30.74 37.83
CA LEU D 194 36.01 -29.47 38.34
C LEU D 194 34.91 -28.64 39.03
N GLN D 195 33.87 -28.29 38.29
CA GLN D 195 32.85 -27.40 38.82
C GLN D 195 31.61 -28.11 39.35
N GLY D 196 31.48 -29.42 39.11
CA GLY D 196 30.33 -30.15 39.58
C GLY D 196 29.04 -29.76 38.87
N THR D 197 28.98 -29.99 37.57
CA THR D 197 27.79 -29.68 36.77
C THR D 197 27.19 -30.99 36.27
N ALA D 198 25.91 -31.20 36.56
CA ALA D 198 25.23 -32.41 36.11
C ALA D 198 25.01 -32.36 34.60
N PHE D 199 25.21 -33.50 33.95
CA PHE D 199 25.10 -33.63 32.50
C PHE D 199 24.00 -34.64 32.19
N LEU D 200 22.81 -34.12 31.86
CA LEU D 200 21.69 -34.96 31.44
C LEU D 200 21.75 -35.10 29.93
N VAL D 201 22.36 -36.19 29.46
CA VAL D 201 22.67 -36.36 28.05
C VAL D 201 21.76 -37.44 27.46
N VAL D 202 21.10 -37.10 26.35
CA VAL D 202 20.39 -38.07 25.54
C VAL D 202 21.35 -38.50 24.44
N THR D 203 21.57 -39.81 24.31
CA THR D 203 22.53 -40.31 23.33
C THR D 203 21.99 -41.54 22.64
N HIS D 204 22.33 -41.66 21.36
CA HIS D 204 22.04 -42.86 20.58
C HIS D 204 23.20 -43.85 20.57
N ASP D 205 24.33 -43.49 21.17
CA ASP D 205 25.52 -44.33 21.18
C ASP D 205 25.52 -45.10 22.49
N LEU D 206 25.69 -46.42 22.40
CA LEU D 206 25.63 -47.28 23.58
C LEU D 206 26.97 -47.37 24.31
N GLN D 207 28.07 -47.56 23.58
CA GLN D 207 29.37 -47.73 24.23
C GLN D 207 29.84 -46.43 24.87
N LEU D 208 29.48 -45.28 24.27
CA LEU D 208 29.81 -44.00 24.88
C LEU D 208 28.90 -43.69 26.05
N ALA D 209 27.74 -44.34 26.15
CA ALA D 209 26.85 -44.16 27.28
C ALA D 209 27.25 -45.01 28.48
N LYS D 210 28.17 -45.96 28.31
CA LYS D 210 28.65 -46.76 29.44
C LYS D 210 29.52 -45.96 30.39
N ARG D 211 29.96 -44.76 29.98
CA ARG D 211 30.77 -43.90 30.83
C ARG D 211 29.93 -42.99 31.71
N MET D 212 28.70 -43.38 32.00
CA MET D 212 27.77 -42.58 32.79
C MET D 212 27.39 -43.32 34.05
N SER D 213 26.99 -42.56 35.08
CA SER D 213 26.61 -43.18 36.34
C SER D 213 25.34 -44.00 36.21
N ARG D 214 24.29 -43.39 35.63
CA ARG D 214 23.01 -44.06 35.44
C ARG D 214 22.62 -43.96 33.97
N GLN D 215 21.99 -45.02 33.49
CA GLN D 215 21.80 -45.28 32.05
C GLN D 215 20.32 -45.53 31.74
N LEU D 216 19.45 -44.61 32.14
CA LEU D 216 18.02 -44.84 31.99
C LEU D 216 17.63 -45.03 30.53
N GLU D 217 16.73 -45.99 30.30
CA GLU D 217 16.18 -46.26 28.98
C GLU D 217 14.72 -45.83 28.97
N MET D 218 14.36 -45.04 27.97
CA MET D 218 13.00 -44.50 27.87
C MET D 218 12.34 -45.06 26.61
N ARG D 219 11.21 -45.73 26.78
CA ARG D 219 10.47 -46.33 25.68
C ARG D 219 9.00 -46.02 25.82
N ASP D 220 8.31 -45.87 24.68
CA ASP D 220 6.85 -45.59 24.64
C ASP D 220 6.44 -44.55 25.69
N GLY D 221 7.20 -43.45 25.82
CA GLY D 221 6.80 -42.44 26.77
C GLY D 221 6.99 -42.80 28.22
N ARG D 222 7.64 -43.91 28.52
CA ARG D 222 7.85 -44.36 29.89
C ARG D 222 9.34 -44.55 30.16
N LEU D 223 9.78 -44.10 31.33
CA LEU D 223 11.18 -44.27 31.74
C LEU D 223 11.33 -45.61 32.44
N THR D 224 11.64 -46.63 31.66
CA THR D 224 11.98 -47.93 32.23
C THR D 224 13.32 -47.84 32.97
N ALA D 225 13.48 -48.69 33.99
CA ALA D 225 14.71 -48.72 34.77
C ALA D 225 15.89 -49.08 33.88
N GLU D 226 15.90 -50.31 33.36
CA GLU D 226 16.92 -50.75 32.42
C GLU D 226 16.49 -52.01 31.70
N LEU D 227 16.38 -51.96 30.37
CA LEU D 227 16.10 -53.15 29.57
C LEU D 227 17.16 -53.43 28.53
N SER D 228 17.58 -52.44 27.75
CA SER D 228 18.57 -52.65 26.71
C SER D 228 19.72 -51.64 26.81
#